data_4Q8G
#
_entry.id   4Q8G
#
_cell.length_a   68.508
_cell.length_b   74.032
_cell.length_c   175.081
_cell.angle_alpha   90.00
_cell.angle_beta   90.00
_cell.angle_gamma   90.00
#
_symmetry.space_group_name_H-M   'P 21 21 21'
#
loop_
_entity.id
_entity.type
_entity.pdbx_description
1 polymer 'PAB-dependent poly(A)-specific ribonuclease subunit PAN2'
2 non-polymer 'ZINC ION'
3 water water
#
_entity_poly.entity_id   1
_entity_poly.type   'polypeptide(L)'
_entity_poly.pdbx_seq_one_letter_code
;GPDSMMSQNEKLSTQEFPLLRYDRTKYGMRNAIPDYVCLRDIRKQITSGLETSDIQTYTSINKYEVPPAYSRLPLTSGRF
GTDNFDFTPFNNTEYSGLDPDVDNHYTNAIIQLYRFIPEMFNFVVGCLKDENFETTLLTDLGYLFDMMERSHGKICSSSN
FQASLKSLTDKRQLENGEPQEHLEEYLESLCIRESIEDFNSSESIKRNMPQKFNRFLLSQLIKEEAQTVNHNITLNQCFG
LETEIRTECSCDHYDTTVKLLPSLSISGINKTVIKQLNKKSNGQNILPYIEYAMKNVTQKNSICPTCGKTETITQECTVK
NLPSVLSLELSLLDTEFSNIRSSKNWLTSEFYGSIIKNKAVLRSTASELKGTSHIFKYELNGYVAKITDNNNETRLVTYV
KKYNPKENCFKWLMFNDYLVVEITEEEALKMTYPWKTPEIIIYCDAEELRKPFFSVDTYSI
;
_entity_poly.pdbx_strand_id   A,B
#
loop_
_chem_comp.id
_chem_comp.type
_chem_comp.name
_chem_comp.formula
ZN non-polymer 'ZINC ION' 'Zn 2'
#
# COMPACT_ATOMS: atom_id res chain seq x y z
N THR A 52 48.28 16.91 13.79
CA THR A 52 47.89 17.48 12.50
C THR A 52 47.03 16.54 11.68
N SER A 53 45.90 17.06 11.20
CA SER A 53 44.91 16.29 10.48
C SER A 53 44.47 16.95 9.17
N ASP A 54 44.15 16.14 8.16
CA ASP A 54 43.57 16.68 6.94
C ASP A 54 42.21 17.32 7.22
N ILE A 55 41.91 18.39 6.49
CA ILE A 55 40.66 19.13 6.71
C ILE A 55 39.45 18.25 6.51
N GLN A 56 39.59 17.19 5.73
CA GLN A 56 38.46 16.28 5.49
C GLN A 56 38.26 15.22 6.56
N THR A 57 39.08 15.25 7.59
CA THR A 57 38.90 14.41 8.76
C THR A 57 37.59 14.78 9.48
N TYR A 58 36.64 13.85 9.56
CA TYR A 58 35.32 14.18 10.07
C TYR A 58 34.97 13.51 11.42
N THR A 59 35.93 12.83 12.06
CA THR A 59 35.76 12.43 13.46
C THR A 59 36.92 12.92 14.31
N SER A 60 36.64 13.08 15.60
CA SER A 60 37.65 13.30 16.63
C SER A 60 37.46 12.30 17.73
N ILE A 61 38.45 12.11 18.60
CA ILE A 61 38.29 11.21 19.74
C ILE A 61 37.18 11.70 20.69
N ASN A 62 37.30 12.93 21.16
CA ASN A 62 36.42 13.41 22.19
C ASN A 62 35.14 14.00 21.56
N LYS A 63 33.99 13.65 22.11
CA LYS A 63 32.72 14.11 21.56
C LYS A 63 32.58 15.65 21.62
N TYR A 64 33.37 16.37 22.42
CA TYR A 64 33.17 17.83 22.53
C TYR A 64 33.98 18.60 21.48
N GLU A 65 34.86 17.93 20.75
CA GLU A 65 35.70 18.65 19.77
C GLU A 65 35.12 18.52 18.40
N VAL A 66 34.87 19.67 17.81
CA VAL A 66 34.32 19.75 16.48
C VAL A 66 35.42 19.27 15.50
N PRO A 67 35.15 18.21 14.76
CA PRO A 67 36.17 17.70 13.83
C PRO A 67 36.44 18.66 12.67
N PRO A 68 37.65 18.58 12.06
CA PRO A 68 38.03 19.48 10.96
C PRO A 68 36.97 19.62 9.86
N ALA A 69 36.40 18.55 9.33
CA ALA A 69 35.44 18.67 8.27
C ALA A 69 34.21 19.50 8.63
N TYR A 70 33.92 19.67 9.93
CA TYR A 70 32.75 20.41 10.39
C TYR A 70 33.09 21.85 10.77
N SER A 71 34.36 22.22 10.63
CA SER A 71 34.84 23.48 11.16
C SER A 71 34.43 24.63 10.23
N ARG A 72 34.66 25.87 10.67
CA ARG A 72 34.44 27.03 9.84
C ARG A 72 35.55 27.13 8.83
N LEU A 73 35.21 27.00 7.57
CA LEU A 73 36.21 26.94 6.50
C LEU A 73 36.74 28.31 6.13
N PRO A 74 37.91 28.36 5.47
CA PRO A 74 38.38 29.69 5.12
C PRO A 74 37.40 30.43 4.22
N LEU A 75 37.39 31.75 4.32
CA LEU A 75 36.65 32.59 3.39
C LEU A 75 37.12 32.33 1.96
N THR A 76 36.18 32.37 1.03
CA THR A 76 36.48 32.18 -0.38
C THR A 76 36.66 33.52 -1.09
N PHE A 85 41.57 29.87 -7.08
CA PHE A 85 41.19 29.57 -5.69
C PHE A 85 40.68 28.14 -5.51
N ASP A 86 41.58 27.22 -5.18
CA ASP A 86 41.29 25.79 -5.26
C ASP A 86 40.50 25.26 -4.06
N PHE A 87 39.42 24.59 -4.40
CA PHE A 87 38.61 23.93 -3.40
C PHE A 87 38.76 22.39 -3.47
N THR A 88 39.52 21.91 -4.44
CA THR A 88 39.79 20.49 -4.58
C THR A 88 40.34 19.83 -3.30
N PRO A 89 41.19 20.51 -2.51
CA PRO A 89 41.57 19.90 -1.22
C PRO A 89 40.41 19.69 -0.22
N PHE A 90 39.23 20.25 -0.49
CA PHE A 90 38.07 20.13 0.40
C PHE A 90 37.05 19.13 -0.09
N ASN A 91 37.28 18.58 -1.27
CA ASN A 91 36.28 17.74 -1.94
C ASN A 91 36.93 16.80 -2.94
N ASN A 92 36.89 15.51 -2.64
CA ASN A 92 37.39 14.48 -3.55
C ASN A 92 36.25 13.66 -4.16
N THR A 93 35.03 14.13 -3.99
CA THR A 93 33.86 13.46 -4.53
C THR A 93 33.48 14.07 -5.86
N GLU A 94 32.50 13.45 -6.51
CA GLU A 94 31.91 13.95 -7.75
C GLU A 94 30.64 14.77 -7.46
N TYR A 95 30.46 15.21 -6.23
CA TYR A 95 29.29 16.02 -5.90
C TYR A 95 29.74 17.43 -5.55
N SER A 96 29.13 18.41 -6.20
CA SER A 96 29.55 19.79 -6.04
C SER A 96 29.09 20.41 -4.69
N GLY A 97 29.97 21.21 -4.09
CA GLY A 97 29.64 22.01 -2.93
C GLY A 97 29.15 23.34 -3.40
N LEU A 98 28.69 24.16 -2.46
CA LEU A 98 28.25 25.50 -2.79
C LEU A 98 29.15 26.61 -2.23
N ASP A 99 29.36 27.63 -3.04
CA ASP A 99 30.07 28.82 -2.61
C ASP A 99 29.37 29.44 -1.40
N PRO A 100 30.06 29.56 -0.27
CA PRO A 100 29.47 30.24 0.88
C PRO A 100 29.44 31.78 0.77
N ASP A 101 30.04 32.36 -0.28
CA ASP A 101 30.11 33.82 -0.39
C ASP A 101 28.87 34.39 -1.08
N VAL A 102 27.73 34.06 -0.53
CA VAL A 102 26.43 34.53 -1.00
C VAL A 102 25.66 34.98 0.24
N ASP A 103 24.70 35.89 0.04
CA ASP A 103 23.81 36.28 1.13
C ASP A 103 23.00 35.05 1.58
N ASN A 104 22.71 34.98 2.88
CA ASN A 104 21.92 33.88 3.42
C ASN A 104 22.53 32.54 3.09
N HIS A 105 23.83 32.41 3.26
CA HIS A 105 24.52 31.25 2.72
C HIS A 105 24.08 30.01 3.47
N TYR A 106 23.40 30.18 4.61
CA TYR A 106 22.88 29.01 5.31
C TYR A 106 21.81 28.29 4.45
N THR A 107 21.16 29.00 3.54
CA THR A 107 20.24 28.31 2.63
C THR A 107 20.93 27.26 1.69
N ASN A 108 22.25 27.38 1.50
CA ASN A 108 22.98 26.38 0.72
C ASN A 108 22.84 24.98 1.30
N ALA A 109 22.88 24.84 2.61
CA ALA A 109 22.70 23.54 3.21
C ALA A 109 21.35 22.90 2.85
N ILE A 110 20.34 23.74 2.67
CA ILE A 110 18.98 23.29 2.40
C ILE A 110 18.76 23.01 0.91
N ILE A 111 19.45 23.79 0.09
CA ILE A 111 19.51 23.54 -1.33
C ILE A 111 20.15 22.17 -1.55
N GLN A 112 21.26 21.86 -0.87
CA GLN A 112 21.89 20.52 -1.01
C GLN A 112 20.94 19.42 -0.64
N LEU A 113 20.22 19.65 0.46
CA LEU A 113 19.29 18.68 0.95
C LEU A 113 18.29 18.27 -0.13
N TYR A 114 17.72 19.25 -0.80
CA TYR A 114 16.65 18.95 -1.76
C TYR A 114 17.23 18.43 -3.03
N ARG A 115 18.49 18.78 -3.29
CA ARG A 115 19.18 18.36 -4.51
C ARG A 115 19.32 16.85 -4.51
N PHE A 116 19.31 16.26 -3.33
CA PHE A 116 19.45 14.82 -3.20
C PHE A 116 18.16 14.04 -2.93
N ILE A 117 17.00 14.65 -3.16
CA ILE A 117 15.76 13.92 -3.13
C ILE A 117 15.42 13.64 -4.58
N PRO A 118 15.38 12.37 -4.97
CA PRO A 118 15.24 12.09 -6.40
C PRO A 118 13.98 12.64 -7.00
N GLU A 119 12.85 12.51 -6.31
CA GLU A 119 11.59 12.97 -6.90
C GLU A 119 11.68 14.47 -7.11
N MET A 120 12.33 15.12 -6.16
CA MET A 120 12.44 16.57 -6.16
C MET A 120 13.43 17.04 -7.27
N PHE A 121 14.65 16.51 -7.25
CA PHE A 121 15.63 16.82 -8.28
C PHE A 121 15.06 16.69 -9.65
N ASN A 122 14.51 15.51 -9.89
CA ASN A 122 14.03 15.14 -11.21
C ASN A 122 12.89 16.00 -11.68
N PHE A 123 12.02 16.41 -10.77
CA PHE A 123 10.93 17.24 -11.22
C PHE A 123 11.43 18.64 -11.55
N VAL A 124 12.30 19.17 -10.70
CA VAL A 124 12.78 20.54 -10.85
C VAL A 124 13.62 20.71 -12.09
N VAL A 125 14.55 19.78 -12.33
CA VAL A 125 15.39 19.91 -13.53
C VAL A 125 14.57 19.66 -14.78
N GLY A 126 13.49 18.90 -14.66
CA GLY A 126 12.64 18.61 -15.80
C GLY A 126 11.92 19.84 -16.31
N CYS A 127 11.74 20.81 -15.42
CA CYS A 127 10.98 22.01 -15.75
C CYS A 127 11.77 22.89 -16.70
N LEU A 128 13.09 22.78 -16.65
CA LEU A 128 13.98 23.57 -17.50
C LEU A 128 13.66 23.42 -18.98
N LYS A 129 13.04 22.30 -19.33
CA LYS A 129 12.68 22.01 -20.71
C LYS A 129 11.34 22.65 -21.13
N ASP A 130 10.75 23.48 -20.26
CA ASP A 130 9.51 24.20 -20.57
C ASP A 130 9.78 25.68 -20.88
N THR A 135 13.34 33.32 -15.06
CA THR A 135 11.91 33.62 -14.98
C THR A 135 11.33 33.39 -13.58
N THR A 136 11.76 32.32 -12.91
CA THR A 136 11.12 31.91 -11.66
C THR A 136 12.11 31.06 -10.83
N LEU A 137 12.06 31.14 -9.50
CA LEU A 137 13.12 30.48 -8.71
C LEU A 137 12.95 28.97 -8.67
N LEU A 138 11.83 28.48 -9.17
CA LEU A 138 11.75 27.08 -9.55
C LEU A 138 12.78 26.78 -10.65
N THR A 139 12.75 27.54 -11.73
CA THR A 139 13.62 27.25 -12.85
C THR A 139 15.05 27.58 -12.48
N ASP A 140 15.26 28.59 -11.65
CA ASP A 140 16.60 28.88 -11.16
C ASP A 140 17.14 27.74 -10.34
N LEU A 141 16.28 27.18 -9.51
CA LEU A 141 16.66 26.00 -8.75
C LEU A 141 16.94 24.83 -9.74
N GLY A 142 16.14 24.75 -10.81
CA GLY A 142 16.42 23.85 -11.90
C GLY A 142 17.84 23.96 -12.44
N TYR A 143 18.20 25.15 -12.92
CA TYR A 143 19.53 25.40 -13.47
C TYR A 143 20.59 25.03 -12.44
N LEU A 144 20.32 25.38 -11.20
CA LEU A 144 21.29 25.12 -10.14
C LEU A 144 21.50 23.62 -9.91
N PHE A 145 20.42 22.88 -9.71
CA PHE A 145 20.51 21.43 -9.51
C PHE A 145 21.28 20.82 -10.68
N ASP A 146 20.98 21.28 -11.88
CA ASP A 146 21.53 20.67 -13.06
C ASP A 146 23.02 20.94 -13.13
N MET A 147 23.43 22.18 -12.88
CA MET A 147 24.84 22.51 -12.77
C MET A 147 25.50 21.61 -11.70
N MET A 148 24.88 21.48 -10.52
CA MET A 148 25.46 20.67 -9.44
C MET A 148 25.63 19.19 -9.78
N GLU A 149 24.70 18.61 -10.54
CA GLU A 149 24.84 17.20 -10.91
C GLU A 149 25.98 17.02 -11.90
N ARG A 150 25.96 17.78 -12.99
CA ARG A 150 26.90 17.51 -14.10
C ARG A 150 28.28 18.12 -13.89
N SER A 151 28.38 19.11 -13.02
CA SER A 151 29.69 19.55 -12.59
C SER A 151 30.30 18.38 -11.84
N HIS A 152 31.60 18.34 -11.82
CA HIS A 152 32.27 17.11 -11.46
C HIS A 152 32.77 17.22 -10.05
N GLY A 153 31.90 17.70 -9.16
CA GLY A 153 32.40 18.09 -7.86
C GLY A 153 33.00 19.48 -7.86
N LYS A 154 32.99 20.15 -8.99
CA LYS A 154 33.40 21.55 -9.10
C LYS A 154 32.39 22.47 -8.43
N ILE A 155 32.87 23.51 -7.76
CA ILE A 155 31.98 24.33 -6.96
C ILE A 155 30.94 24.97 -7.84
N CYS A 156 29.74 25.15 -7.30
CA CYS A 156 28.68 25.89 -7.94
C CYS A 156 28.25 27.07 -7.06
N SER A 157 27.52 28.01 -7.64
CA SER A 157 27.07 29.21 -6.93
C SER A 157 25.56 29.26 -6.85
N SER A 158 25.03 29.72 -5.73
CA SER A 158 23.59 29.86 -5.60
C SER A 158 23.23 31.32 -5.82
N SER A 159 24.19 32.07 -6.34
CA SER A 159 24.03 33.49 -6.64
C SER A 159 22.69 33.85 -7.32
N ASN A 160 22.44 33.32 -8.51
CA ASN A 160 21.20 33.60 -9.24
C ASN A 160 19.95 33.28 -8.40
N PHE A 161 19.92 32.06 -7.83
CA PHE A 161 18.84 31.66 -6.93
C PHE A 161 18.66 32.67 -5.79
N GLN A 162 19.75 33.06 -5.12
CA GLN A 162 19.68 34.08 -4.07
C GLN A 162 19.04 35.37 -4.58
N ALA A 163 19.39 35.76 -5.80
CA ALA A 163 18.82 36.97 -6.37
C ALA A 163 17.31 36.84 -6.50
N SER A 164 16.86 35.71 -7.02
CA SER A 164 15.44 35.52 -7.29
C SER A 164 14.70 35.61 -5.96
N LEU A 165 15.25 34.93 -4.96
CA LEU A 165 14.69 34.94 -3.62
C LEU A 165 14.59 36.36 -3.05
N LYS A 166 15.67 37.12 -3.17
CA LYS A 166 15.67 38.48 -2.65
C LYS A 166 14.56 39.28 -3.29
N SER A 167 14.46 39.20 -4.62
CA SER A 167 13.44 39.97 -5.36
C SER A 167 12.10 39.88 -4.64
N LEU A 168 11.78 38.68 -4.18
CA LEU A 168 10.63 38.46 -3.32
C LEU A 168 10.94 39.05 -1.95
N THR A 169 10.79 40.37 -1.81
CA THR A 169 11.27 41.10 -0.63
C THR A 169 10.68 40.55 0.66
N SER A 204 25.73 33.94 12.20
CA SER A 204 24.77 33.41 13.17
C SER A 204 23.53 32.81 12.48
N ILE A 205 23.21 31.58 12.89
CA ILE A 205 21.98 30.87 12.51
C ILE A 205 20.95 31.06 13.64
N LYS A 206 19.94 31.90 13.41
CA LYS A 206 18.94 32.19 14.45
C LYS A 206 18.01 31.00 14.63
N ARG A 207 17.47 30.88 15.83
CA ARG A 207 16.47 29.87 16.12
C ARG A 207 15.34 29.99 15.11
N ASN A 208 14.96 28.84 14.58
CA ASN A 208 13.86 28.69 13.65
C ASN A 208 14.11 29.18 12.22
N MET A 209 15.21 29.86 11.92
CA MET A 209 15.35 30.40 10.55
C MET A 209 15.53 29.30 9.49
N PRO A 210 16.35 28.29 9.76
CA PRO A 210 16.34 27.17 8.80
C PRO A 210 14.95 26.56 8.56
N GLN A 211 14.16 26.37 9.61
CA GLN A 211 12.80 25.81 9.47
C GLN A 211 11.93 26.79 8.72
N LYS A 212 12.05 28.07 9.04
CA LYS A 212 11.26 29.08 8.36
C LYS A 212 11.60 29.09 6.86
N PHE A 213 12.88 28.99 6.53
CA PHE A 213 13.26 29.01 5.11
C PHE A 213 12.75 27.75 4.41
N ASN A 214 12.80 26.62 5.09
CA ASN A 214 12.31 25.35 4.54
C ASN A 214 10.81 25.45 4.15
N ARG A 215 9.96 25.94 5.06
CA ARG A 215 8.54 26.12 4.76
C ARG A 215 8.30 27.09 3.59
N PHE A 216 9.05 28.19 3.57
CA PHE A 216 8.88 29.20 2.54
C PHE A 216 9.24 28.63 1.17
N LEU A 217 10.38 27.98 1.14
CA LEU A 217 10.86 27.41 -0.11
C LEU A 217 9.89 26.40 -0.68
N LEU A 218 9.43 25.46 0.13
CA LEU A 218 8.54 24.45 -0.42
C LEU A 218 7.28 25.11 -0.90
N SER A 219 6.68 25.97 -0.06
CA SER A 219 5.44 26.66 -0.40
C SER A 219 5.58 27.47 -1.68
N GLN A 220 6.72 28.11 -1.82
CA GLN A 220 6.94 28.99 -2.95
C GLN A 220 7.07 28.15 -4.23
N LEU A 221 7.83 27.06 -4.14
CA LEU A 221 7.97 26.14 -5.27
C LEU A 221 6.63 25.55 -5.68
N ILE A 222 5.80 25.21 -4.69
CA ILE A 222 4.53 24.58 -4.96
C ILE A 222 3.61 25.58 -5.63
N LYS A 223 3.64 26.83 -5.15
CA LYS A 223 2.84 27.89 -5.75
C LYS A 223 3.28 28.17 -7.21
N GLU A 224 4.58 28.21 -7.47
CA GLU A 224 5.02 28.46 -8.83
C GLU A 224 4.58 27.32 -9.72
N GLU A 225 4.69 26.10 -9.21
CA GLU A 225 4.23 24.92 -9.94
C GLU A 225 2.76 25.06 -10.32
N ALA A 226 2.00 25.76 -9.49
CA ALA A 226 0.58 26.02 -9.76
C ALA A 226 0.39 27.01 -10.89
N GLN A 227 1.36 27.90 -11.09
CA GLN A 227 1.25 29.00 -12.05
C GLN A 227 1.31 28.51 -13.52
N THR A 228 1.88 27.33 -13.75
CA THR A 228 1.73 26.63 -15.02
C THR A 228 0.27 26.19 -15.22
N VAL A 229 -0.31 26.46 -16.39
CA VAL A 229 -1.68 26.00 -16.68
C VAL A 229 -1.68 24.50 -16.99
N ASN A 230 -0.48 23.92 -17.17
CA ASN A 230 -0.30 22.47 -17.10
C ASN A 230 -0.85 22.01 -15.75
N HIS A 231 -1.09 20.70 -15.58
CA HIS A 231 -1.38 20.15 -14.24
C HIS A 231 -0.63 18.85 -14.01
N ASN A 232 0.67 18.80 -13.66
CA ASN A 232 1.55 19.81 -13.01
C ASN A 232 1.19 19.89 -11.52
N ILE A 233 1.16 18.71 -10.90
CA ILE A 233 0.78 18.54 -9.50
C ILE A 233 1.94 17.94 -8.69
N THR A 234 3.01 17.58 -9.39
CA THR A 234 3.98 16.62 -8.87
C THR A 234 4.56 16.96 -7.48
N LEU A 235 4.94 18.23 -7.23
CA LEU A 235 5.49 18.64 -5.95
C LEU A 235 4.47 18.61 -4.83
N ASN A 236 3.30 19.12 -5.18
CA ASN A 236 2.16 19.15 -4.29
C ASN A 236 1.84 17.75 -3.78
N GLN A 237 1.80 16.79 -4.70
CA GLN A 237 1.50 15.40 -4.38
C GLN A 237 2.65 14.73 -3.67
N CYS A 238 3.88 15.17 -3.95
CA CYS A 238 5.07 14.61 -3.34
C CYS A 238 5.22 14.96 -1.86
N PHE A 239 5.11 16.25 -1.55
CA PHE A 239 5.27 16.76 -0.17
C PHE A 239 3.97 16.99 0.61
N GLY A 240 2.86 17.02 -0.09
CA GLY A 240 1.60 17.48 0.51
C GLY A 240 1.03 16.65 1.64
N LEU A 241 1.00 17.27 2.82
CA LEU A 241 0.34 16.68 4.00
C LEU A 241 -1.08 17.24 4.17
N GLU A 242 -2.08 16.41 3.98
CA GLU A 242 -3.46 16.88 4.08
C GLU A 242 -3.83 17.00 5.55
N THR A 243 -3.96 18.24 6.02
CA THR A 243 -4.09 18.50 7.44
C THR A 243 -5.45 19.07 7.78
N GLU A 244 -6.19 18.31 8.59
CA GLU A 244 -7.57 18.66 8.98
C GLU A 244 -7.57 19.19 10.44
N ILE A 245 -8.13 20.37 10.65
CA ILE A 245 -8.26 20.91 11.98
C ILE A 245 -9.75 20.95 12.29
N ARG A 246 -10.17 20.20 13.30
CA ARG A 246 -11.54 20.36 13.83
C ARG A 246 -11.51 21.10 15.15
N THR A 247 -12.56 21.88 15.39
CA THR A 247 -12.60 22.71 16.57
C THR A 247 -13.84 22.42 17.37
N GLU A 248 -13.64 22.04 18.62
CA GLU A 248 -14.72 21.96 19.60
C GLU A 248 -14.85 23.33 20.27
N CYS A 249 -15.99 23.99 20.08
CA CYS A 249 -16.22 25.31 20.64
C CYS A 249 -17.68 25.48 21.05
N SER A 250 -17.99 26.51 21.84
CA SER A 250 -19.37 26.73 22.30
C SER A 250 -20.25 27.51 21.33
N CYS A 251 -19.66 28.15 20.32
CA CYS A 251 -20.44 29.13 19.54
C CYS A 251 -20.83 28.63 18.15
N ASP A 252 -20.35 27.44 17.80
CA ASP A 252 -20.76 26.77 16.55
C ASP A 252 -20.15 27.38 15.28
N HIS A 253 -19.09 28.16 15.44
CA HIS A 253 -18.47 28.78 14.26
C HIS A 253 -17.23 28.14 13.68
N TYR A 254 -16.36 27.57 14.48
CA TYR A 254 -14.99 27.42 13.97
C TYR A 254 -14.94 26.31 12.91
N ASP A 255 -15.36 26.61 11.69
CA ASP A 255 -15.54 25.55 10.70
C ASP A 255 -14.26 24.72 10.50
N THR A 256 -14.48 23.45 10.26
CA THR A 256 -13.39 22.55 10.01
C THR A 256 -12.65 23.06 8.79
N THR A 257 -11.33 22.93 8.84
CA THR A 257 -10.47 23.35 7.76
C THR A 257 -9.61 22.18 7.35
N VAL A 258 -9.31 22.13 6.06
CA VAL A 258 -8.38 21.17 5.52
C VAL A 258 -7.43 22.00 4.69
N LYS A 259 -6.15 21.94 5.04
CA LYS A 259 -5.12 22.60 4.25
C LYS A 259 -4.05 21.59 3.82
N LEU A 260 -3.40 21.85 2.70
CA LEU A 260 -2.31 20.99 2.22
C LEU A 260 -1.02 21.66 2.57
N LEU A 261 -0.29 21.08 3.52
CA LEU A 261 0.97 21.66 3.97
C LEU A 261 2.13 20.79 3.48
N PRO A 262 3.23 21.43 3.05
CA PRO A 262 4.38 20.74 2.44
C PRO A 262 5.42 20.21 3.43
N SER A 263 5.36 20.66 4.68
CA SER A 263 6.23 20.16 5.72
C SER A 263 5.48 19.99 7.01
N LEU A 264 6.07 19.21 7.89
CA LEU A 264 5.50 18.90 9.17
C LEU A 264 6.40 19.47 10.24
N SER A 265 5.80 20.29 11.08
CA SER A 265 6.48 20.88 12.21
C SER A 265 6.49 19.93 13.37
N ILE A 266 7.67 19.67 13.93
CA ILE A 266 7.85 18.74 15.03
C ILE A 266 8.22 19.49 16.29
N SER A 267 7.37 19.36 17.30
CA SER A 267 7.62 19.90 18.64
C SER A 267 7.58 18.78 19.66
N GLY A 268 7.84 19.14 20.91
CA GLY A 268 8.03 18.14 21.95
C GLY A 268 6.77 17.34 22.24
N ILE A 269 6.99 16.09 22.66
CA ILE A 269 5.92 15.20 23.12
C ILE A 269 5.91 15.04 24.66
N ASN A 270 4.94 14.27 25.17
CA ASN A 270 4.92 13.85 26.58
C ASN A 270 3.90 12.73 26.78
N GLN A 284 13.87 6.08 23.39
CA GLN A 284 13.16 7.14 22.70
C GLN A 284 13.74 7.29 21.29
N ASN A 285 12.89 7.55 20.31
CA ASN A 285 13.37 7.94 18.98
C ASN A 285 12.35 8.84 18.35
N ILE A 286 12.61 9.20 17.09
CA ILE A 286 11.90 10.25 16.42
C ILE A 286 10.43 9.87 16.07
N LEU A 287 10.10 8.58 16.03
CA LEU A 287 8.80 8.12 15.46
C LEU A 287 7.56 8.70 16.20
N PRO A 288 7.56 8.67 17.53
CA PRO A 288 6.43 9.24 18.30
C PRO A 288 6.35 10.75 18.15
N TYR A 289 7.45 11.43 17.81
CA TYR A 289 7.38 12.87 17.56
C TYR A 289 6.60 13.13 16.29
N ILE A 290 6.87 12.34 15.26
CA ILE A 290 6.23 12.50 13.98
C ILE A 290 4.74 12.10 14.15
N GLU A 291 4.51 11.00 14.83
CA GLU A 291 3.15 10.53 15.09
C GLU A 291 2.34 11.64 15.81
N TYR A 292 2.94 12.24 16.83
CA TYR A 292 2.24 13.32 17.56
C TYR A 292 1.88 14.49 16.63
N ALA A 293 2.82 14.89 15.76
CA ALA A 293 2.62 16.01 14.85
C ALA A 293 1.50 15.70 13.86
N MET A 294 1.34 14.42 13.54
CA MET A 294 0.30 14.00 12.59
C MET A 294 -1.08 13.72 13.24
N LYS A 295 -1.15 13.78 14.56
CA LYS A 295 -2.43 13.56 15.23
C LYS A 295 -2.38 14.07 16.67
N ASN A 296 -2.99 15.21 16.97
CA ASN A 296 -2.94 15.70 18.34
C ASN A 296 -4.15 16.57 18.65
N VAL A 297 -4.44 16.69 19.95
CA VAL A 297 -5.55 17.48 20.44
C VAL A 297 -4.96 18.50 21.41
N THR A 298 -5.24 19.78 21.15
CA THR A 298 -4.70 20.86 21.94
C THR A 298 -5.79 21.82 22.33
N GLN A 299 -5.49 22.67 23.29
CA GLN A 299 -6.45 23.63 23.81
C GLN A 299 -5.80 25.00 23.73
N LYS A 300 -6.59 26.03 23.48
CA LYS A 300 -6.06 27.38 23.52
C LYS A 300 -7.15 28.38 23.65
N ASN A 301 -6.74 29.57 24.08
CA ASN A 301 -7.67 30.67 24.28
C ASN A 301 -7.84 31.34 22.97
N SER A 302 -9.06 31.71 22.64
CA SER A 302 -9.28 32.22 21.31
C SER A 302 -10.45 33.16 21.26
N ILE A 303 -10.35 34.14 20.36
CA ILE A 303 -11.46 35.05 20.08
C ILE A 303 -12.06 34.63 18.75
N CYS A 304 -13.35 34.35 18.75
CA CYS A 304 -14.02 33.91 17.53
C CYS A 304 -14.12 35.07 16.54
N PRO A 305 -13.62 34.88 15.33
CA PRO A 305 -13.74 35.91 14.28
C PRO A 305 -15.19 36.27 13.96
N THR A 306 -16.09 35.31 14.07
CA THR A 306 -17.51 35.54 13.81
C THR A 306 -18.27 36.10 15.02
N CYS A 307 -18.15 35.44 16.17
CA CYS A 307 -18.85 35.84 17.42
C CYS A 307 -18.16 37.00 18.08
N GLY A 308 -16.84 36.89 18.24
CA GLY A 308 -16.09 37.80 19.09
C GLY A 308 -15.95 37.27 20.51
N LYS A 309 -16.51 36.10 20.74
CA LYS A 309 -16.47 35.47 22.06
C LYS A 309 -15.07 34.98 22.35
N THR A 310 -14.60 35.22 23.56
CA THR A 310 -13.32 34.69 24.00
C THR A 310 -13.62 33.40 24.74
N GLU A 311 -12.84 32.38 24.45
CA GLU A 311 -13.15 31.04 24.88
C GLU A 311 -11.92 30.13 24.78
N THR A 312 -11.87 29.11 25.63
CA THR A 312 -10.90 28.03 25.45
C THR A 312 -11.47 26.98 24.49
N ILE A 313 -10.79 26.79 23.37
CA ILE A 313 -11.27 25.87 22.38
C ILE A 313 -10.35 24.68 22.37
N THR A 314 -10.88 23.57 21.88
CA THR A 314 -10.10 22.36 21.74
C THR A 314 -10.05 21.97 20.26
N GLN A 315 -8.85 21.78 19.74
CA GLN A 315 -8.64 21.51 18.32
C GLN A 315 -7.94 20.20 18.10
N GLU A 316 -8.49 19.43 17.18
CA GLU A 316 -7.94 18.15 16.82
C GLU A 316 -7.30 18.33 15.44
N CYS A 317 -5.99 18.06 15.38
CA CYS A 317 -5.24 18.25 14.16
C CYS A 317 -4.88 16.88 13.64
N THR A 318 -5.34 16.57 12.44
CA THR A 318 -5.17 15.25 11.86
C THR A 318 -4.54 15.31 10.46
N VAL A 319 -3.35 14.74 10.31
CA VAL A 319 -2.80 14.55 8.96
C VAL A 319 -3.41 13.27 8.37
N LYS A 320 -3.94 13.40 7.16
CA LYS A 320 -4.75 12.38 6.56
C LYS A 320 -3.98 11.39 5.69
N ASN A 321 -2.78 11.75 5.25
CA ASN A 321 -2.08 10.96 4.27
C ASN A 321 -0.58 10.85 4.56
N LEU A 322 0.05 9.87 3.93
CA LEU A 322 1.48 9.65 4.07
C LEU A 322 2.11 9.91 2.73
N PRO A 323 2.63 11.12 2.54
CA PRO A 323 3.14 11.50 1.25
C PRO A 323 4.53 10.87 0.97
N SER A 324 4.99 10.85 -0.27
CA SER A 324 6.22 10.11 -0.58
C SER A 324 7.45 10.83 -0.04
N VAL A 325 7.36 12.13 0.17
CA VAL A 325 8.42 12.83 0.88
C VAL A 325 7.87 13.53 2.10
N LEU A 326 8.42 13.15 3.24
CA LEU A 326 8.13 13.81 4.49
C LEU A 326 9.24 14.75 4.85
N SER A 327 8.96 16.04 4.82
CA SER A 327 9.89 17.06 5.23
C SER A 327 9.57 17.54 6.68
N LEU A 328 10.48 17.29 7.62
CA LEU A 328 10.27 17.56 9.02
C LEU A 328 11.08 18.75 9.46
N GLU A 329 10.40 19.69 10.11
CA GLU A 329 11.05 20.84 10.75
C GLU A 329 11.03 20.70 12.24
N LEU A 330 12.21 20.51 12.81
CA LEU A 330 12.35 20.37 14.24
C LEU A 330 12.25 21.73 14.89
N SER A 331 11.34 21.81 15.83
CA SER A 331 10.98 23.05 16.45
C SER A 331 10.88 22.73 17.92
N LEU A 332 12.01 22.38 18.50
CA LEU A 332 12.06 21.90 19.87
C LEU A 332 12.78 22.89 20.72
N LEU A 333 12.61 22.74 22.02
CA LEU A 333 13.35 23.51 23.01
C LEU A 333 14.74 22.90 23.12
N ASP A 334 15.71 23.68 23.56
CA ASP A 334 17.07 23.18 23.60
C ASP A 334 17.16 22.13 24.72
N THR A 335 16.24 22.21 25.68
CA THR A 335 16.19 21.18 26.72
C THR A 335 15.71 19.86 26.12
N GLU A 336 14.78 19.94 25.16
CA GLU A 336 14.29 18.76 24.49
C GLU A 336 15.40 18.19 23.61
N PHE A 337 16.21 19.05 23.00
CA PHE A 337 17.33 18.55 22.22
C PHE A 337 18.33 17.77 23.06
N SER A 338 18.46 18.14 24.34
CA SER A 338 19.41 17.44 25.22
C SER A 338 19.00 16.00 25.47
N ASN A 339 17.69 15.77 25.51
CA ASN A 339 17.15 14.42 25.62
C ASN A 339 17.29 13.62 24.34
N ILE A 340 17.25 14.31 23.20
CA ILE A 340 17.52 13.66 21.94
C ILE A 340 18.97 13.16 21.86
N ARG A 341 19.93 13.96 22.33
CA ARG A 341 21.33 13.56 22.26
C ARG A 341 21.64 12.40 23.17
N SER A 342 20.90 12.31 24.27
CA SER A 342 21.11 11.25 25.25
C SER A 342 20.48 9.96 24.76
N SER A 343 19.55 10.08 23.82
CA SER A 343 18.89 8.92 23.28
C SER A 343 19.71 8.40 22.13
N LYS A 344 20.23 7.21 22.29
CA LYS A 344 20.94 6.57 21.21
C LYS A 344 19.90 6.13 20.18
N ASN A 345 20.26 6.34 18.91
CA ASN A 345 19.45 5.90 17.78
C ASN A 345 18.14 6.65 17.64
N TRP A 346 18.11 7.87 18.17
CA TRP A 346 16.97 8.73 18.01
C TRP A 346 16.58 8.94 16.56
N LEU A 347 17.57 9.19 15.69
CA LEU A 347 17.30 9.46 14.29
C LEU A 347 17.12 8.16 13.53
N THR A 348 15.91 7.64 13.51
CA THR A 348 15.63 6.32 12.91
C THR A 348 15.95 6.33 11.41
N SER A 349 16.60 5.28 10.90
CA SER A 349 17.07 5.35 9.54
C SER A 349 15.99 4.92 8.57
N GLU A 350 15.10 4.07 9.06
CA GLU A 350 13.98 3.61 8.26
C GLU A 350 12.78 3.17 9.15
N PHE A 351 11.57 3.32 8.62
CA PHE A 351 10.38 2.94 9.33
C PHE A 351 9.21 2.72 8.39
N TYR A 352 8.16 2.17 8.95
CA TYR A 352 6.96 1.81 8.23
C TYR A 352 5.80 2.63 8.75
N GLY A 353 4.94 3.07 7.86
CA GLY A 353 3.81 3.86 8.26
C GLY A 353 2.55 3.32 7.62
N SER A 354 1.45 3.59 8.30
CA SER A 354 0.14 3.30 7.78
C SER A 354 -0.90 4.22 8.42
N ILE A 355 -1.95 4.53 7.65
CA ILE A 355 -3.10 5.28 8.14
C ILE A 355 -4.06 4.24 8.67
N ILE A 356 -4.16 4.16 10.00
CA ILE A 356 -4.99 3.18 10.66
C ILE A 356 -6.07 3.91 11.46
N LYS A 357 -7.34 3.70 11.09
CA LYS A 357 -8.45 4.36 11.79
C LYS A 357 -8.24 5.87 11.85
N ASN A 358 -8.00 6.48 10.70
CA ASN A 358 -7.91 7.93 10.58
C ASN A 358 -6.76 8.49 11.42
N LYS A 359 -5.78 7.65 11.70
CA LYS A 359 -4.56 8.10 12.36
C LYS A 359 -3.28 7.54 11.67
N ALA A 360 -2.28 8.39 11.48
CA ALA A 360 -0.97 7.89 11.06
C ALA A 360 -0.25 7.16 12.21
N VAL A 361 0.04 5.89 11.97
CA VAL A 361 0.81 5.06 12.89
C VAL A 361 2.17 4.70 12.24
N LEU A 362 3.23 4.92 12.99
CA LEU A 362 4.59 4.76 12.53
C LEU A 362 5.30 3.80 13.45
N ARG A 363 5.99 2.83 12.87
CA ARG A 363 6.71 1.80 13.65
C ARG A 363 8.03 1.43 12.99
N SER A 364 8.93 0.85 13.78
CA SER A 364 10.26 0.46 13.28
C SER A 364 10.22 -0.72 12.33
N THR A 365 9.30 -1.64 12.57
CA THR A 365 9.11 -2.79 11.70
C THR A 365 7.68 -2.81 11.19
N ALA A 366 7.50 -3.45 10.04
CA ALA A 366 6.25 -3.52 9.32
C ALA A 366 5.18 -4.27 10.11
N SER A 367 5.58 -5.35 10.75
CA SER A 367 4.64 -6.24 11.42
C SER A 367 4.07 -5.63 12.69
N GLU A 368 4.70 -4.57 13.23
CA GLU A 368 4.10 -3.89 14.39
C GLU A 368 2.85 -3.12 13.98
N LEU A 369 2.59 -3.00 12.68
CA LEU A 369 1.41 -2.27 12.20
C LEU A 369 0.19 -3.20 11.99
N LYS A 370 -0.83 -3.04 12.83
CA LYS A 370 -1.94 -4.00 12.87
C LYS A 370 -3.24 -3.48 12.30
N GLY A 371 -3.99 -4.41 11.73
CA GLY A 371 -5.32 -4.11 11.22
C GLY A 371 -5.27 -2.97 10.23
N THR A 372 -4.36 -3.07 9.27
CA THR A 372 -4.28 -2.09 8.22
C THR A 372 -3.89 -2.77 6.95
N SER A 373 -4.45 -2.30 5.84
CA SER A 373 -4.26 -2.98 4.58
C SER A 373 -3.18 -2.40 3.66
N HIS A 374 -2.63 -1.22 3.99
N HIS A 374 -2.60 -1.25 4.04
CA HIS A 374 -1.54 -0.66 3.17
CA HIS A 374 -1.57 -0.59 3.21
C HIS A 374 -0.46 -0.04 4.03
C HIS A 374 -0.45 -0.02 4.04
N ILE A 375 0.74 -0.59 3.89
CA ILE A 375 1.89 -0.19 4.67
C ILE A 375 2.96 0.38 3.73
N PHE A 376 3.55 1.49 4.16
CA PHE A 376 4.46 2.28 3.37
C PHE A 376 5.80 2.22 4.08
N LYS A 377 6.90 2.13 3.35
CA LYS A 377 8.22 2.22 3.95
C LYS A 377 8.86 3.55 3.65
N TYR A 378 9.39 4.15 4.70
CA TYR A 378 10.19 5.37 4.60
C TYR A 378 11.63 5.08 4.98
N GLU A 379 12.52 5.80 4.31
CA GLU A 379 13.95 5.81 4.64
C GLU A 379 14.47 7.23 4.78
N LEU A 380 15.34 7.43 5.74
CA LEU A 380 16.02 8.70 5.86
C LEU A 380 16.88 8.96 4.61
N ASN A 381 16.64 10.13 3.99
CA ASN A 381 17.24 10.58 2.74
C ASN A 381 18.34 11.56 3.07
N GLY A 382 18.10 12.39 4.07
CA GLY A 382 19.05 13.41 4.47
C GLY A 382 18.49 14.31 5.56
N TYR A 383 19.37 15.15 6.09
CA TYR A 383 18.96 16.15 7.04
C TYR A 383 20.01 17.23 7.12
N VAL A 384 19.54 18.40 7.54
CA VAL A 384 20.37 19.54 7.83
C VAL A 384 20.56 19.65 9.31
N ALA A 385 21.81 19.89 9.69
CA ALA A 385 22.16 20.02 11.09
C ALA A 385 22.92 21.31 11.33
N LYS A 386 22.68 21.85 12.51
CA LYS A 386 23.41 22.99 13.01
C LYS A 386 24.61 22.51 13.78
N ILE A 387 25.74 23.10 13.47
CA ILE A 387 26.97 22.86 14.16
C ILE A 387 27.23 24.07 15.00
N THR A 388 27.54 23.84 16.28
CA THR A 388 27.86 24.92 17.19
C THR A 388 29.29 24.72 17.70
N ASP A 389 30.17 25.65 17.31
CA ASP A 389 31.59 25.65 17.67
C ASP A 389 31.80 25.86 19.14
N ASN A 390 33.03 25.64 19.57
CA ASN A 390 33.40 25.99 20.93
C ASN A 390 33.27 27.53 21.10
N ASN A 391 33.76 28.29 20.12
CA ASN A 391 33.51 29.74 20.02
C ASN A 391 32.04 30.17 20.10
N ASN A 392 31.16 29.19 19.92
CA ASN A 392 29.72 29.38 19.78
C ASN A 392 29.35 29.90 18.42
N GLU A 393 30.34 29.97 17.53
CA GLU A 393 30.08 30.22 16.14
C GLU A 393 29.23 29.09 15.65
N THR A 394 28.45 29.39 14.63
CA THR A 394 27.37 28.52 14.26
C THR A 394 27.30 28.34 12.73
N ARG A 395 26.87 27.16 12.26
CA ARG A 395 26.78 26.92 10.84
C ARG A 395 25.92 25.71 10.54
N LEU A 396 25.41 25.64 9.30
CA LEU A 396 24.67 24.48 8.83
C LEU A 396 25.49 23.58 7.96
N VAL A 397 25.32 22.27 8.19
CA VAL A 397 25.76 21.23 7.30
C VAL A 397 24.62 20.36 6.88
N THR A 398 24.89 19.54 5.86
CA THR A 398 23.89 18.67 5.25
C THR A 398 24.41 17.25 5.14
N TYR A 399 23.62 16.31 5.64
CA TYR A 399 23.88 14.89 5.42
C TYR A 399 22.91 14.33 4.41
N VAL A 400 23.44 13.63 3.40
CA VAL A 400 22.59 12.97 2.45
C VAL A 400 23.04 11.56 2.11
N LYS A 401 22.06 10.79 1.67
CA LYS A 401 22.23 9.40 1.35
C LYS A 401 21.92 9.28 -0.14
N LYS A 402 22.82 8.65 -0.90
CA LYS A 402 22.66 8.53 -2.34
C LYS A 402 22.86 7.10 -2.77
N TYR A 403 21.93 6.62 -3.59
CA TYR A 403 21.91 5.23 -3.94
C TYR A 403 22.89 4.98 -5.06
N ASN A 404 23.67 3.91 -4.93
CA ASN A 404 24.55 3.41 -6.00
C ASN A 404 23.96 2.08 -6.48
N PRO A 405 23.18 2.11 -7.56
CA PRO A 405 22.48 0.87 -7.91
C PRO A 405 23.43 -0.23 -8.46
N LYS A 406 24.64 0.12 -8.87
CA LYS A 406 25.58 -0.89 -9.36
C LYS A 406 26.08 -1.74 -8.20
N GLU A 407 26.38 -1.10 -7.07
CA GLU A 407 26.90 -1.79 -5.90
C GLU A 407 25.76 -2.18 -4.95
N ASN A 408 24.53 -1.98 -5.39
CA ASN A 408 23.34 -2.18 -4.54
C ASN A 408 23.50 -1.62 -3.13
N CYS A 409 23.97 -0.38 -3.02
CA CYS A 409 24.12 0.22 -1.70
C CYS A 409 24.02 1.73 -1.74
N PHE A 410 23.89 2.27 -0.54
CA PHE A 410 23.88 3.71 -0.32
C PHE A 410 25.24 4.18 0.16
N LYS A 411 25.62 5.40 -0.19
CA LYS A 411 26.69 6.05 0.55
C LYS A 411 26.20 7.38 1.14
N TRP A 412 26.81 7.76 2.26
CA TRP A 412 26.43 8.94 3.00
C TRP A 412 27.48 9.99 2.68
N LEU A 413 27.01 11.21 2.44
CA LEU A 413 27.84 12.38 2.24
C LEU A 413 27.50 13.46 3.27
N MET A 414 28.52 14.18 3.73
CA MET A 414 28.37 15.37 4.55
C MET A 414 28.92 16.54 3.79
N PHE A 415 28.06 17.54 3.57
CA PHE A 415 28.37 18.83 2.96
C PHE A 415 28.51 19.96 4.01
N ASN A 416 29.65 20.62 4.05
CA ASN A 416 29.92 21.82 4.81
C ASN A 416 30.39 22.87 3.81
N ASP A 417 29.46 23.70 3.35
CA ASP A 417 29.72 24.64 2.28
C ASP A 417 30.42 23.99 1.06
N TYR A 418 31.71 24.25 0.86
CA TYR A 418 32.39 23.67 -0.27
C TYR A 418 33.20 22.41 0.08
N LEU A 419 33.18 22.02 1.35
CA LEU A 419 33.77 20.72 1.71
C LEU A 419 32.70 19.64 1.59
N VAL A 420 33.06 18.53 0.95
CA VAL A 420 32.18 17.40 0.80
C VAL A 420 32.96 16.17 1.16
N VAL A 421 32.42 15.32 2.03
CA VAL A 421 33.17 14.17 2.43
C VAL A 421 32.24 12.95 2.56
N GLU A 422 32.67 11.82 2.00
CA GLU A 422 31.96 10.57 2.16
C GLU A 422 32.15 10.10 3.60
N ILE A 423 31.07 9.62 4.22
CA ILE A 423 31.11 9.24 5.61
C ILE A 423 30.41 7.92 5.81
N THR A 424 30.67 7.31 6.96
CA THR A 424 29.93 6.15 7.38
C THR A 424 28.50 6.50 7.82
N GLU A 425 27.65 5.49 7.67
CA GLU A 425 26.28 5.58 8.10
C GLU A 425 26.24 5.81 9.60
N GLU A 426 27.16 5.18 10.33
CA GLU A 426 27.29 5.40 11.77
C GLU A 426 27.41 6.89 12.13
N GLU A 427 28.30 7.58 11.43
N GLU A 427 28.28 7.62 11.44
CA GLU A 427 28.46 9.02 11.64
CA GLU A 427 28.40 9.04 11.74
C GLU A 427 27.22 9.76 11.23
C GLU A 427 27.23 9.82 11.20
N ALA A 428 26.69 9.37 10.07
CA ALA A 428 25.50 9.99 9.52
C ALA A 428 24.29 9.93 10.48
N LEU A 429 24.16 8.89 11.30
CA LEU A 429 23.00 8.70 12.17
C LEU A 429 23.28 9.11 13.62
N LYS A 430 24.49 9.55 13.90
CA LYS A 430 24.91 9.85 15.27
C LYS A 430 24.38 11.23 15.74
N MET A 431 23.65 11.24 16.86
CA MET A 431 22.96 12.43 17.34
C MET A 431 23.56 12.87 18.65
N THR A 432 24.59 12.19 19.09
CA THR A 432 25.00 12.36 20.47
C THR A 432 25.99 13.51 20.65
N TYR A 433 26.50 14.09 19.56
CA TYR A 433 27.48 15.16 19.70
C TYR A 433 26.87 16.44 20.26
N PRO A 434 27.45 16.97 21.34
CA PRO A 434 26.91 18.19 21.94
C PRO A 434 26.96 19.39 20.98
N TRP A 435 27.82 19.32 19.95
CA TRP A 435 27.97 20.40 18.98
C TRP A 435 27.05 20.27 17.80
N LYS A 436 26.21 19.23 17.79
CA LYS A 436 25.35 18.93 16.64
C LYS A 436 23.86 18.99 17.05
N THR A 437 23.05 19.64 16.23
CA THR A 437 21.61 19.71 16.43
C THR A 437 20.88 19.53 15.11
N PRO A 438 20.05 18.50 15.03
CA PRO A 438 19.23 18.33 13.81
C PRO A 438 18.25 19.48 13.65
N GLU A 439 18.02 19.94 12.42
CA GLU A 439 17.18 21.10 12.16
C GLU A 439 16.03 20.70 11.23
N ILE A 440 16.39 20.03 10.12
CA ILE A 440 15.47 19.66 9.08
C ILE A 440 15.79 18.28 8.63
N ILE A 441 14.78 17.42 8.61
CA ILE A 441 14.94 15.99 8.33
C ILE A 441 14.00 15.55 7.21
N ILE A 442 14.51 14.76 6.28
CA ILE A 442 13.75 14.27 5.12
C ILE A 442 13.68 12.76 5.12
N TYR A 443 12.46 12.24 5.11
CA TYR A 443 12.24 10.84 4.97
C TYR A 443 11.60 10.74 3.61
N CYS A 444 11.83 9.61 2.97
N CYS A 444 11.95 9.68 2.88
CA CYS A 444 11.44 9.44 1.58
CA CYS A 444 11.42 9.41 1.54
C CYS A 444 10.97 8.01 1.40
C CYS A 444 10.93 8.01 1.46
N ASP A 445 9.93 7.81 0.61
CA ASP A 445 9.52 6.47 0.23
C ASP A 445 10.74 5.66 -0.23
N ALA A 446 10.94 4.50 0.37
CA ALA A 446 12.17 3.73 0.19
C ALA A 446 12.43 3.38 -1.27
N GLU A 447 11.40 3.05 -2.04
CA GLU A 447 11.61 2.72 -3.43
C GLU A 447 11.95 3.96 -4.25
N GLU A 448 11.31 5.09 -3.95
CA GLU A 448 11.58 6.33 -4.70
C GLU A 448 13.04 6.76 -4.57
N LEU A 449 13.60 6.47 -3.40
CA LEU A 449 14.89 6.93 -3.01
C LEU A 449 15.99 6.30 -3.88
N ARG A 450 15.63 5.17 -4.48
CA ARG A 450 16.56 4.40 -5.27
C ARG A 450 16.43 4.75 -6.74
N LYS A 451 15.47 5.59 -7.13
CA LYS A 451 15.34 5.91 -8.56
C LYS A 451 16.53 6.75 -9.01
N PRO A 452 16.87 6.66 -10.30
CA PRO A 452 18.00 7.48 -10.74
C PRO A 452 17.65 8.96 -10.88
N PHE A 453 18.68 9.77 -10.71
CA PHE A 453 18.62 11.18 -11.07
C PHE A 453 18.79 11.31 -12.59
N PHE A 454 17.80 11.92 -13.24
CA PHE A 454 17.84 12.11 -14.69
C PHE A 454 18.77 13.24 -15.10
N GLU B 51 -25.84 -41.45 17.58
CA GLU B 51 -27.06 -41.87 16.91
C GLU B 51 -27.65 -40.73 16.08
N THR B 52 -28.63 -40.01 16.64
CA THR B 52 -29.37 -38.97 15.90
C THR B 52 -28.81 -37.55 16.08
N SER B 53 -28.62 -36.85 14.96
CA SER B 53 -28.07 -35.51 14.93
C SER B 53 -28.97 -34.55 14.18
N ASP B 54 -28.95 -33.29 14.57
CA ASP B 54 -29.63 -32.27 13.79
C ASP B 54 -28.93 -32.04 12.48
N ILE B 55 -29.72 -31.77 11.44
CA ILE B 55 -29.13 -31.59 10.11
C ILE B 55 -28.10 -30.46 10.08
N GLN B 56 -28.16 -29.53 11.03
CA GLN B 56 -27.24 -28.38 11.03
C GLN B 56 -25.91 -28.68 11.73
N THR B 57 -25.81 -29.89 12.27
CA THR B 57 -24.57 -30.38 12.85
C THR B 57 -23.45 -30.42 11.80
N TYR B 58 -22.36 -29.69 12.02
CA TYR B 58 -21.36 -29.53 10.95
C TYR B 58 -19.99 -30.11 11.29
N THR B 59 -19.90 -30.84 12.40
CA THR B 59 -18.71 -31.64 12.71
C THR B 59 -19.10 -33.06 13.08
N SER B 60 -18.11 -33.92 13.03
CA SER B 60 -18.22 -35.30 13.44
C SER B 60 -16.97 -35.66 14.21
N ILE B 61 -17.03 -36.64 15.10
CA ILE B 61 -15.83 -37.10 15.79
C ILE B 61 -14.88 -37.84 14.84
N ASN B 62 -15.46 -38.62 13.94
CA ASN B 62 -14.72 -39.32 12.92
C ASN B 62 -14.41 -38.38 11.75
N LYS B 63 -13.12 -38.15 11.51
CA LYS B 63 -12.66 -37.32 10.39
C LYS B 63 -13.09 -37.84 9.04
N TYR B 64 -13.39 -39.11 8.92
CA TYR B 64 -13.79 -39.63 7.62
C TYR B 64 -15.28 -39.47 7.35
N GLU B 65 -16.02 -39.04 8.36
CA GLU B 65 -17.48 -38.96 8.27
C GLU B 65 -17.90 -37.58 7.77
N VAL B 66 -18.67 -37.52 6.69
CA VAL B 66 -19.30 -36.29 6.24
C VAL B 66 -20.37 -35.91 7.23
N PRO B 67 -20.20 -34.76 7.90
CA PRO B 67 -21.24 -34.42 8.89
C PRO B 67 -22.54 -33.96 8.22
N PRO B 68 -23.67 -34.07 8.94
CA PRO B 68 -24.99 -33.75 8.40
C PRO B 68 -25.05 -32.47 7.57
N ALA B 69 -24.47 -31.37 8.05
CA ALA B 69 -24.60 -30.10 7.37
C ALA B 69 -24.03 -30.15 5.96
N TYR B 70 -23.16 -31.13 5.71
CA TYR B 70 -22.44 -31.21 4.46
C TYR B 70 -22.98 -32.32 3.56
N SER B 71 -23.94 -33.08 4.08
CA SER B 71 -24.48 -34.22 3.36
C SER B 71 -25.32 -33.79 2.18
N ARG B 72 -25.68 -34.76 1.35
CA ARG B 72 -26.66 -34.54 0.32
C ARG B 72 -28.00 -34.29 1.02
N LEU B 73 -28.60 -33.14 0.78
CA LEU B 73 -29.83 -32.76 1.46
C LEU B 73 -31.07 -33.29 0.75
N PRO B 74 -32.21 -33.36 1.45
CA PRO B 74 -33.43 -33.82 0.78
C PRO B 74 -33.71 -33.07 -0.53
N LEU B 75 -34.24 -33.76 -1.52
CA LEU B 75 -34.74 -33.15 -2.74
C LEU B 75 -36.01 -32.35 -2.51
N THR B 76 -36.10 -31.16 -3.06
CA THR B 76 -37.25 -30.31 -2.80
C THR B 76 -38.46 -30.79 -3.60
N SER B 77 -38.25 -31.81 -4.42
CA SER B 77 -39.33 -32.43 -5.19
C SER B 77 -39.68 -33.83 -4.65
N GLY B 78 -38.86 -34.32 -3.72
CA GLY B 78 -39.11 -35.60 -3.09
C GLY B 78 -40.22 -35.56 -2.04
N ARG B 79 -40.08 -36.40 -1.02
CA ARG B 79 -41.14 -36.61 -0.03
C ARG B 79 -41.34 -35.41 0.87
N PHE B 80 -40.27 -34.67 1.16
CA PHE B 80 -40.38 -33.45 1.96
C PHE B 80 -41.16 -32.38 1.18
N GLY B 81 -41.20 -32.52 -0.14
CA GLY B 81 -41.72 -31.49 -1.01
C GLY B 81 -43.18 -31.63 -1.39
N THR B 82 -43.82 -32.70 -0.98
CA THR B 82 -45.16 -33.09 -1.51
C THR B 82 -46.24 -32.00 -1.42
N ASP B 83 -46.32 -31.32 -0.27
CA ASP B 83 -47.25 -30.19 -0.11
C ASP B 83 -46.52 -28.92 -0.58
N ASN B 84 -45.58 -28.46 0.24
CA ASN B 84 -44.56 -27.48 -0.15
C ASN B 84 -43.32 -27.82 0.62
N PHE B 85 -42.16 -27.49 0.07
CA PHE B 85 -40.95 -27.77 0.80
C PHE B 85 -40.68 -26.67 1.83
N ASP B 86 -40.42 -27.08 3.07
CA ASP B 86 -40.04 -26.14 4.12
C ASP B 86 -38.52 -25.98 4.27
N PHE B 87 -38.01 -24.81 3.92
CA PHE B 87 -36.57 -24.58 3.97
C PHE B 87 -36.11 -24.15 5.38
N THR B 88 -37.04 -23.75 6.25
CA THR B 88 -36.63 -23.08 7.49
C THR B 88 -35.84 -23.95 8.49
N PRO B 89 -36.09 -25.27 8.57
CA PRO B 89 -35.30 -26.08 9.52
C PRO B 89 -33.80 -26.25 9.18
N PHE B 90 -33.39 -25.73 8.03
CA PHE B 90 -32.02 -25.87 7.58
C PHE B 90 -31.19 -24.56 7.70
N ASN B 91 -31.80 -23.49 8.19
CA ASN B 91 -31.14 -22.19 8.16
C ASN B 91 -31.74 -21.33 9.29
N ASN B 92 -30.91 -21.07 10.31
CA ASN B 92 -31.33 -20.28 11.45
C ASN B 92 -30.66 -18.92 11.41
N THR B 93 -30.00 -18.60 10.29
CA THR B 93 -29.25 -17.36 10.15
C THR B 93 -30.06 -16.33 9.37
N GLU B 94 -29.48 -15.15 9.23
CA GLU B 94 -30.02 -14.05 8.47
C GLU B 94 -29.59 -14.04 7.02
N TYR B 95 -28.95 -15.11 6.54
CA TYR B 95 -28.43 -15.15 5.18
C TYR B 95 -29.12 -16.23 4.41
N SER B 96 -29.65 -15.84 3.25
CA SER B 96 -30.42 -16.71 2.39
C SER B 96 -29.58 -17.79 1.67
N GLY B 97 -30.11 -18.99 1.71
CA GLY B 97 -29.63 -20.05 0.85
C GLY B 97 -30.25 -19.95 -0.52
N LEU B 98 -29.81 -20.81 -1.43
CA LEU B 98 -30.37 -20.85 -2.78
C LEU B 98 -31.05 -22.17 -3.11
N ASP B 99 -32.20 -22.06 -3.77
CA ASP B 99 -32.96 -23.19 -4.25
C ASP B 99 -32.10 -24.12 -5.15
N PRO B 100 -31.92 -25.38 -4.77
CA PRO B 100 -31.13 -26.32 -5.57
C PRO B 100 -31.83 -26.73 -6.85
N ASP B 101 -33.11 -26.37 -6.95
CA ASP B 101 -33.97 -26.85 -8.01
C ASP B 101 -33.81 -25.96 -9.23
N VAL B 102 -32.56 -25.86 -9.64
CA VAL B 102 -32.18 -25.15 -10.84
C VAL B 102 -31.21 -26.06 -11.58
N ASP B 103 -31.05 -25.81 -12.86
CA ASP B 103 -30.06 -26.50 -13.68
C ASP B 103 -28.69 -25.87 -13.46
N ASN B 104 -27.65 -26.69 -13.50
CA ASN B 104 -26.30 -26.27 -13.14
C ASN B 104 -26.29 -25.70 -11.74
N HIS B 105 -26.93 -26.37 -10.78
CA HIS B 105 -27.14 -25.70 -9.49
C HIS B 105 -25.84 -25.56 -8.70
N TYR B 106 -24.76 -26.19 -9.15
CA TYR B 106 -23.45 -25.99 -8.53
C TYR B 106 -22.92 -24.54 -8.72
N THR B 107 -23.44 -23.85 -9.72
CA THR B 107 -23.22 -22.42 -9.83
C THR B 107 -23.73 -21.66 -8.56
N ASN B 108 -24.68 -22.22 -7.81
CA ASN B 108 -25.12 -21.54 -6.59
C ASN B 108 -24.01 -21.38 -5.55
N ALA B 109 -23.13 -22.37 -5.39
CA ALA B 109 -22.03 -22.22 -4.45
C ALA B 109 -21.16 -21.02 -4.87
N ILE B 110 -21.02 -20.83 -6.17
CA ILE B 110 -20.14 -19.78 -6.67
C ILE B 110 -20.81 -18.40 -6.58
N ILE B 111 -22.10 -18.36 -6.81
CA ILE B 111 -22.89 -17.14 -6.60
C ILE B 111 -22.82 -16.68 -5.14
N GLN B 112 -22.89 -17.62 -4.19
CA GLN B 112 -22.81 -17.26 -2.77
C GLN B 112 -21.44 -16.65 -2.51
N LEU B 113 -20.44 -17.26 -3.14
CA LEU B 113 -19.08 -16.86 -2.94
C LEU B 113 -18.92 -15.39 -3.26
N TYR B 114 -19.42 -14.98 -4.44
CA TYR B 114 -19.21 -13.62 -4.87
C TYR B 114 -20.17 -12.66 -4.17
N ARG B 115 -21.28 -13.19 -3.67
CA ARG B 115 -22.24 -12.43 -2.90
C ARG B 115 -21.61 -11.80 -1.64
N PHE B 116 -20.60 -12.45 -1.08
CA PHE B 116 -20.02 -12.01 0.18
C PHE B 116 -18.71 -11.23 0.09
N ILE B 117 -18.39 -10.78 -1.12
CA ILE B 117 -17.24 -9.91 -1.39
C ILE B 117 -17.76 -8.51 -1.53
N PRO B 118 -17.52 -7.66 -0.54
CA PRO B 118 -18.23 -6.37 -0.57
C PRO B 118 -18.03 -5.52 -1.85
N GLU B 119 -16.80 -5.41 -2.37
CA GLU B 119 -16.58 -4.58 -3.55
C GLU B 119 -17.47 -5.05 -4.68
N MET B 120 -17.53 -6.36 -4.83
CA MET B 120 -18.24 -6.98 -5.91
C MET B 120 -19.77 -6.82 -5.71
N PHE B 121 -20.22 -7.13 -4.50
CA PHE B 121 -21.63 -6.99 -4.21
C PHE B 121 -22.16 -5.59 -4.49
N ASN B 122 -21.48 -4.59 -3.97
CA ASN B 122 -21.97 -3.23 -4.07
C ASN B 122 -21.91 -2.71 -5.51
N PHE B 123 -20.90 -3.11 -6.24
CA PHE B 123 -20.86 -2.73 -7.64
C PHE B 123 -22.06 -3.29 -8.39
N VAL B 124 -22.28 -4.60 -8.23
CA VAL B 124 -23.25 -5.33 -9.04
C VAL B 124 -24.66 -4.85 -8.72
N VAL B 125 -24.90 -4.61 -7.44
CA VAL B 125 -26.17 -4.14 -6.97
C VAL B 125 -26.42 -2.71 -7.43
N GLY B 126 -25.33 -1.97 -7.60
CA GLY B 126 -25.42 -0.59 -8.03
C GLY B 126 -25.81 -0.41 -9.49
N CYS B 127 -25.59 -1.45 -10.29
CA CYS B 127 -25.99 -1.43 -11.70
C CYS B 127 -27.51 -1.48 -11.90
N LEU B 128 -28.23 -1.89 -10.85
CA LEU B 128 -29.67 -1.96 -10.92
C LEU B 128 -30.26 -0.57 -11.06
N LYS B 129 -29.51 0.44 -10.62
CA LYS B 129 -29.95 1.83 -10.67
C LYS B 129 -29.23 2.47 -11.84
N ASP B 130 -29.96 2.68 -12.94
CA ASP B 130 -29.36 3.00 -14.21
C ASP B 130 -30.40 3.65 -15.10
N GLU B 131 -30.10 4.87 -15.52
CA GLU B 131 -31.00 5.63 -16.36
C GLU B 131 -31.18 4.94 -17.73
N ASN B 132 -30.18 4.19 -18.16
CA ASN B 132 -30.24 3.41 -19.39
C ASN B 132 -30.05 1.95 -19.03
N PHE B 133 -30.97 1.42 -18.24
CA PHE B 133 -30.91 0.04 -17.81
C PHE B 133 -30.99 -0.92 -18.99
N GLU B 134 -30.28 -2.03 -18.89
CA GLU B 134 -30.28 -3.03 -19.94
C GLU B 134 -30.14 -4.39 -19.28
N THR B 135 -30.93 -5.37 -19.73
CA THR B 135 -30.85 -6.72 -19.15
C THR B 135 -29.62 -7.47 -19.69
N THR B 136 -28.81 -7.91 -18.72
CA THR B 136 -27.56 -8.60 -18.95
C THR B 136 -27.33 -9.56 -17.76
N LEU B 137 -26.29 -10.38 -17.83
CA LEU B 137 -26.02 -11.34 -16.77
C LEU B 137 -25.62 -10.59 -15.51
N LEU B 138 -25.07 -9.42 -15.73
CA LEU B 138 -24.69 -8.54 -14.66
C LEU B 138 -25.89 -7.96 -13.88
N THR B 139 -26.91 -7.47 -14.56
CA THR B 139 -28.07 -6.92 -13.84
C THR B 139 -28.91 -8.05 -13.22
N ASP B 140 -28.86 -9.24 -13.84
CA ASP B 140 -29.54 -10.42 -13.30
C ASP B 140 -28.85 -10.81 -12.00
N LEU B 141 -27.53 -10.83 -12.02
CA LEU B 141 -26.81 -11.13 -10.79
C LEU B 141 -27.13 -10.07 -9.73
N GLY B 142 -27.25 -8.82 -10.16
CA GLY B 142 -27.55 -7.74 -9.25
C GLY B 142 -28.90 -7.91 -8.63
N TYR B 143 -29.90 -8.31 -9.41
CA TYR B 143 -31.23 -8.49 -8.84
C TYR B 143 -31.13 -9.65 -7.87
N LEU B 144 -30.27 -10.61 -8.19
CA LEU B 144 -30.22 -11.83 -7.40
C LEU B 144 -29.50 -11.54 -6.05
N PHE B 145 -28.42 -10.78 -6.11
CA PHE B 145 -27.69 -10.41 -4.89
C PHE B 145 -28.59 -9.58 -4.00
N ASP B 146 -29.31 -8.64 -4.59
CA ASP B 146 -30.17 -7.76 -3.83
C ASP B 146 -31.26 -8.56 -3.11
N MET B 147 -31.88 -9.49 -3.81
CA MET B 147 -32.90 -10.31 -3.16
C MET B 147 -32.29 -11.17 -2.02
N MET B 148 -31.04 -11.59 -2.16
CA MET B 148 -30.40 -12.39 -1.13
C MET B 148 -30.19 -11.54 0.11
N GLU B 149 -29.68 -10.33 -0.06
CA GLU B 149 -29.43 -9.47 1.08
C GLU B 149 -30.75 -9.19 1.81
N ARG B 150 -31.75 -8.68 1.09
CA ARG B 150 -32.97 -8.17 1.72
C ARG B 150 -33.95 -9.27 2.18
N SER B 151 -33.73 -10.52 1.78
CA SER B 151 -34.59 -11.63 2.18
C SER B 151 -34.25 -12.08 3.59
N HIS B 152 -33.03 -11.73 4.00
CA HIS B 152 -32.52 -12.06 5.32
C HIS B 152 -32.90 -13.45 5.79
N GLY B 153 -32.56 -14.45 4.96
CA GLY B 153 -32.67 -15.85 5.34
C GLY B 153 -33.75 -16.60 4.60
N LYS B 154 -34.74 -15.89 4.08
CA LYS B 154 -35.75 -16.52 3.25
C LYS B 154 -35.09 -17.07 2.00
N ILE B 155 -35.42 -18.32 1.66
CA ILE B 155 -34.88 -18.98 0.49
C ILE B 155 -34.99 -18.12 -0.75
N CYS B 156 -33.92 -18.11 -1.55
CA CYS B 156 -33.95 -17.40 -2.82
C CYS B 156 -33.74 -18.38 -3.96
N SER B 157 -34.01 -17.93 -5.18
CA SER B 157 -33.79 -18.75 -6.38
C SER B 157 -32.96 -18.04 -7.44
N SER B 158 -32.06 -18.78 -8.09
CA SER B 158 -31.29 -18.22 -9.19
C SER B 158 -31.87 -18.62 -10.57
N SER B 159 -33.16 -18.95 -10.64
CA SER B 159 -33.83 -19.25 -11.93
C SER B 159 -33.52 -18.24 -13.04
N ASN B 160 -33.84 -16.97 -12.78
CA ASN B 160 -33.65 -15.93 -13.79
C ASN B 160 -32.19 -15.91 -14.27
N PHE B 161 -31.27 -15.92 -13.33
CA PHE B 161 -29.86 -15.92 -13.67
C PHE B 161 -29.44 -17.18 -14.42
N GLN B 162 -30.12 -18.26 -14.10
CA GLN B 162 -29.77 -19.55 -14.67
C GLN B 162 -30.21 -19.57 -16.14
N ALA B 163 -31.44 -19.17 -16.39
CA ALA B 163 -31.97 -19.07 -17.73
C ALA B 163 -31.16 -18.08 -18.56
N SER B 164 -30.85 -16.93 -17.96
CA SER B 164 -30.04 -15.92 -18.62
C SER B 164 -28.66 -16.46 -18.96
N LEU B 165 -28.10 -17.23 -18.06
CA LEU B 165 -26.82 -17.87 -18.33
C LEU B 165 -26.92 -18.82 -19.55
N LYS B 166 -28.05 -19.47 -19.71
CA LYS B 166 -28.18 -20.51 -20.71
C LYS B 166 -28.30 -19.90 -22.08
N SER B 167 -29.00 -18.78 -22.18
CA SER B 167 -29.20 -18.10 -23.46
C SER B 167 -27.88 -17.48 -23.94
N LEU B 168 -26.97 -17.24 -23.01
CA LEU B 168 -25.65 -16.75 -23.38
C LEU B 168 -24.94 -17.91 -24.04
N THR B 169 -24.98 -19.05 -23.37
CA THR B 169 -24.35 -20.26 -23.88
C THR B 169 -25.16 -20.90 -25.01
N LYS B 206 -18.85 -31.38 -12.78
CA LYS B 206 -17.50 -31.87 -12.50
C LYS B 206 -16.80 -32.36 -13.79
N ARG B 207 -15.46 -32.31 -13.86
CA ARG B 207 -14.56 -31.74 -12.86
C ARG B 207 -13.65 -30.72 -13.56
N ASN B 208 -13.01 -29.89 -12.76
CA ASN B 208 -12.54 -28.57 -13.17
C ASN B 208 -13.67 -27.68 -13.70
N MET B 209 -14.90 -28.16 -13.63
CA MET B 209 -16.03 -27.38 -14.10
C MET B 209 -16.29 -26.15 -13.20
N PRO B 210 -16.14 -26.30 -11.86
CA PRO B 210 -16.23 -25.10 -11.01
C PRO B 210 -15.21 -24.04 -11.43
N GLN B 211 -13.98 -24.45 -11.75
CA GLN B 211 -12.96 -23.49 -12.19
C GLN B 211 -13.33 -22.82 -13.49
N LYS B 212 -13.83 -23.62 -14.43
CA LYS B 212 -14.20 -23.07 -15.72
C LYS B 212 -15.39 -22.12 -15.58
N PHE B 213 -16.31 -22.42 -14.67
CA PHE B 213 -17.46 -21.54 -14.52
C PHE B 213 -17.04 -20.21 -13.90
N ASN B 214 -16.17 -20.28 -12.89
CA ASN B 214 -15.59 -19.10 -12.29
C ASN B 214 -14.95 -18.18 -13.35
N ARG B 215 -14.06 -18.76 -14.15
CA ARG B 215 -13.35 -18.02 -15.20
C ARG B 215 -14.39 -17.44 -16.16
N PHE B 216 -15.32 -18.27 -16.59
CA PHE B 216 -16.38 -17.78 -17.48
C PHE B 216 -17.15 -16.62 -16.84
N LEU B 217 -17.62 -16.80 -15.62
CA LEU B 217 -18.49 -15.78 -14.99
C LEU B 217 -17.78 -14.44 -14.84
N LEU B 218 -16.59 -14.46 -14.27
CA LEU B 218 -15.86 -13.23 -14.07
C LEU B 218 -15.60 -12.55 -15.40
N SER B 219 -15.24 -13.33 -16.41
CA SER B 219 -14.90 -12.75 -17.72
C SER B 219 -16.12 -12.16 -18.34
N GLN B 220 -17.22 -12.88 -18.23
CA GLN B 220 -18.47 -12.44 -18.84
C GLN B 220 -18.97 -11.11 -18.20
N LEU B 221 -18.83 -11.01 -16.88
CA LEU B 221 -19.27 -9.84 -16.13
C LEU B 221 -18.43 -8.62 -16.46
N ILE B 222 -17.15 -8.83 -16.66
CA ILE B 222 -16.22 -7.77 -16.99
C ILE B 222 -16.50 -7.29 -18.41
N LYS B 223 -16.77 -8.22 -19.31
CA LYS B 223 -17.15 -7.91 -20.65
C LYS B 223 -18.43 -7.07 -20.67
N GLU B 224 -19.41 -7.50 -19.89
CA GLU B 224 -20.67 -6.78 -19.87
C GLU B 224 -20.46 -5.43 -19.23
N GLU B 225 -19.54 -5.36 -18.27
CA GLU B 225 -19.23 -4.08 -17.65
C GLU B 225 -18.65 -3.15 -18.68
N ALA B 226 -17.76 -3.68 -19.50
CA ALA B 226 -17.14 -2.91 -20.58
C ALA B 226 -18.15 -2.53 -21.68
N GLN B 227 -19.15 -3.36 -21.96
CA GLN B 227 -20.11 -3.04 -23.01
C GLN B 227 -21.13 -2.05 -22.48
N THR B 228 -21.61 -2.29 -21.25
CA THR B 228 -22.85 -1.65 -20.82
C THR B 228 -22.72 -0.59 -19.70
N VAL B 229 -21.61 -0.53 -18.99
CA VAL B 229 -21.44 0.47 -17.93
C VAL B 229 -20.74 1.74 -18.42
N ASN B 230 -21.26 2.88 -17.98
CA ASN B 230 -20.81 4.18 -18.45
C ASN B 230 -19.48 4.65 -17.85
N HIS B 231 -19.54 5.09 -16.60
CA HIS B 231 -18.49 5.92 -16.04
C HIS B 231 -17.44 5.13 -15.23
N ASN B 232 -17.37 3.81 -15.43
CA ASN B 232 -16.62 2.96 -14.49
C ASN B 232 -16.16 1.62 -15.08
N ILE B 233 -15.03 1.16 -14.58
CA ILE B 233 -14.53 -0.18 -14.86
C ILE B 233 -14.11 -0.84 -13.53
N THR B 234 -14.99 -0.74 -12.52
CA THR B 234 -14.77 -1.28 -11.17
C THR B 234 -14.37 -2.77 -11.08
N LEU B 235 -15.09 -3.65 -11.74
CA LEU B 235 -14.81 -5.08 -11.59
C LEU B 235 -13.46 -5.41 -12.15
N ASN B 236 -13.19 -4.87 -13.33
CA ASN B 236 -11.90 -5.01 -13.99
C ASN B 236 -10.77 -4.63 -13.07
N GLN B 237 -10.88 -3.45 -12.48
CA GLN B 237 -9.82 -2.96 -11.62
C GLN B 237 -9.74 -3.86 -10.41
N CYS B 238 -10.91 -4.26 -9.92
CA CYS B 238 -11.00 -5.03 -8.69
C CYS B 238 -10.35 -6.41 -8.77
N PHE B 239 -10.63 -7.12 -9.86
CA PHE B 239 -10.16 -8.50 -10.06
C PHE B 239 -8.92 -8.61 -10.96
N GLY B 240 -8.71 -7.61 -11.79
CA GLY B 240 -7.71 -7.66 -12.83
C GLY B 240 -6.30 -7.97 -12.41
N LEU B 241 -5.76 -9.05 -13.00
CA LEU B 241 -4.35 -9.36 -12.82
C LEU B 241 -3.71 -9.06 -14.15
N GLU B 242 -2.81 -8.08 -14.11
CA GLU B 242 -2.10 -7.62 -15.29
C GLU B 242 -0.97 -8.63 -15.57
N THR B 243 -1.15 -9.41 -16.62
CA THR B 243 -0.32 -10.59 -16.86
C THR B 243 0.52 -10.44 -18.11
N GLU B 244 1.79 -10.17 -17.88
CA GLU B 244 2.73 -10.05 -18.97
C GLU B 244 3.31 -11.42 -19.38
N ILE B 245 3.29 -11.71 -20.68
CA ILE B 245 3.93 -12.91 -21.18
C ILE B 245 5.02 -12.56 -22.21
N ARG B 246 6.25 -12.88 -21.86
CA ARG B 246 7.41 -12.68 -22.72
C ARG B 246 7.88 -14.01 -23.24
N THR B 247 8.05 -14.08 -24.55
CA THR B 247 8.44 -15.31 -25.20
C THR B 247 9.78 -15.20 -25.90
N GLU B 248 10.69 -16.08 -25.48
CA GLU B 248 11.96 -16.26 -26.22
C GLU B 248 11.73 -17.39 -27.25
N CYS B 249 11.81 -17.05 -28.53
CA CYS B 249 11.61 -18.00 -29.65
C CYS B 249 12.57 -17.66 -30.82
N SER B 250 12.46 -18.35 -31.96
CA SER B 250 13.27 -18.04 -33.16
C SER B 250 12.49 -17.26 -34.22
N CYS B 251 11.21 -17.58 -34.35
CA CYS B 251 10.32 -16.83 -35.20
C CYS B 251 10.16 -15.44 -34.58
N ASP B 252 9.53 -14.50 -35.27
CA ASP B 252 8.86 -13.42 -34.55
C ASP B 252 7.49 -14.02 -34.20
N HIS B 253 6.44 -13.21 -34.02
CA HIS B 253 5.07 -13.71 -33.86
C HIS B 253 4.83 -14.26 -32.46
N TYR B 254 5.69 -13.94 -31.52
CA TYR B 254 5.37 -14.18 -30.12
C TYR B 254 5.68 -12.90 -29.34
N ASP B 255 5.13 -11.80 -29.85
CA ASP B 255 5.31 -10.51 -29.22
C ASP B 255 4.86 -10.61 -27.79
N THR B 256 5.58 -9.88 -26.95
CA THR B 256 5.20 -9.69 -25.59
C THR B 256 3.77 -9.19 -25.48
N THR B 257 2.96 -9.87 -24.68
CA THR B 257 1.56 -9.48 -24.48
C THR B 257 1.29 -9.20 -23.03
N VAL B 258 0.31 -8.32 -22.80
CA VAL B 258 -0.11 -7.96 -21.46
C VAL B 258 -1.63 -8.02 -21.50
N LYS B 259 -2.19 -8.92 -20.70
CA LYS B 259 -3.63 -9.16 -20.61
C LYS B 259 -4.10 -9.08 -19.17
N LEU B 260 -5.28 -8.52 -19.00
CA LEU B 260 -5.95 -8.43 -17.73
C LEU B 260 -6.85 -9.64 -17.59
N LEU B 261 -6.44 -10.53 -16.71
CA LEU B 261 -7.13 -11.77 -16.43
C LEU B 261 -7.82 -11.64 -15.05
N PRO B 262 -9.07 -12.06 -14.95
CA PRO B 262 -9.80 -11.78 -13.71
C PRO B 262 -9.56 -12.80 -12.61
N SER B 263 -8.86 -13.90 -12.93
CA SER B 263 -8.48 -14.90 -11.94
C SER B 263 -7.17 -15.56 -12.26
N LEU B 264 -6.67 -16.24 -11.24
CA LEU B 264 -5.40 -16.88 -11.29
C LEU B 264 -5.61 -18.38 -11.19
N SER B 265 -5.10 -19.11 -12.18
CA SER B 265 -5.16 -20.55 -12.15
C SER B 265 -3.97 -21.04 -11.35
N ILE B 266 -4.20 -22.00 -10.46
CA ILE B 266 -3.15 -22.48 -9.56
C ILE B 266 -2.85 -23.95 -9.84
N SER B 267 -1.62 -24.21 -10.30
CA SER B 267 -1.08 -25.58 -10.54
C SER B 267 0.03 -25.94 -9.53
N GLY B 268 0.43 -27.20 -9.51
CA GLY B 268 1.50 -27.63 -8.62
C GLY B 268 2.82 -26.96 -8.97
N GLN B 284 4.49 -24.84 4.98
CA GLN B 284 3.98 -25.37 3.71
C GLN B 284 2.50 -25.01 3.51
N ASN B 285 2.27 -23.93 2.78
CA ASN B 285 0.92 -23.45 2.59
C ASN B 285 0.67 -22.99 1.17
N ILE B 286 -0.45 -22.32 0.95
CA ILE B 286 -0.84 -21.89 -0.37
C ILE B 286 0.05 -20.80 -0.95
N LEU B 287 0.76 -20.06 -0.11
CA LEU B 287 1.43 -18.86 -0.61
C LEU B 287 2.46 -19.05 -1.75
N PRO B 288 3.35 -20.07 -1.65
CA PRO B 288 4.27 -20.31 -2.78
C PRO B 288 3.51 -20.75 -4.01
N TYR B 289 2.34 -21.36 -3.87
CA TYR B 289 1.56 -21.70 -5.06
C TYR B 289 1.10 -20.45 -5.77
N ILE B 290 0.74 -19.43 -4.98
CA ILE B 290 0.20 -18.22 -5.58
C ILE B 290 1.33 -17.51 -6.28
N GLU B 291 2.48 -17.48 -5.60
CA GLU B 291 3.67 -16.85 -6.10
C GLU B 291 4.12 -17.41 -7.44
N TYR B 292 4.08 -18.72 -7.55
CA TYR B 292 4.53 -19.40 -8.74
C TYR B 292 3.59 -19.09 -9.88
N ALA B 293 2.29 -19.04 -9.58
CA ALA B 293 1.30 -18.63 -10.58
C ALA B 293 1.53 -17.20 -11.09
N MET B 294 2.11 -16.37 -10.24
CA MET B 294 2.25 -14.97 -10.55
C MET B 294 3.60 -14.69 -11.21
N LYS B 295 4.47 -15.69 -11.21
CA LYS B 295 5.82 -15.53 -11.75
C LYS B 295 6.49 -16.85 -12.03
N ASN B 296 6.53 -17.27 -13.29
CA ASN B 296 7.17 -18.52 -13.63
C ASN B 296 7.75 -18.43 -15.01
N VAL B 297 8.73 -19.28 -15.25
CA VAL B 297 9.36 -19.33 -16.54
C VAL B 297 9.31 -20.77 -16.99
N THR B 298 8.74 -20.99 -18.16
CA THR B 298 8.54 -22.33 -18.66
C THR B 298 9.00 -22.50 -20.09
N GLN B 299 9.16 -23.75 -20.45
CA GLN B 299 9.58 -24.11 -21.79
C GLN B 299 8.59 -25.11 -22.31
N LYS B 300 8.15 -24.92 -23.55
CA LYS B 300 7.15 -25.78 -24.17
C LYS B 300 7.36 -25.80 -25.65
N ASN B 301 7.05 -26.93 -26.27
CA ASN B 301 7.00 -27.05 -27.74
C ASN B 301 5.72 -26.37 -28.21
N SER B 302 5.81 -25.60 -29.28
CA SER B 302 4.69 -24.77 -29.71
C SER B 302 4.63 -24.70 -31.22
N ILE B 303 3.47 -24.33 -31.76
CA ILE B 303 3.32 -24.07 -33.20
C ILE B 303 3.03 -22.59 -33.34
N CYS B 304 3.80 -21.92 -34.21
CA CYS B 304 3.62 -20.49 -34.45
C CYS B 304 2.40 -20.29 -35.36
N PRO B 305 1.30 -19.68 -34.85
CA PRO B 305 0.15 -19.49 -35.76
C PRO B 305 0.53 -18.68 -37.02
N THR B 306 1.31 -17.63 -36.82
CA THR B 306 1.88 -16.87 -37.93
C THR B 306 2.96 -17.70 -38.66
N CYS B 307 4.11 -17.96 -38.02
CA CYS B 307 5.27 -18.62 -38.68
C CYS B 307 4.99 -20.05 -39.17
N GLY B 308 4.01 -20.72 -38.55
CA GLY B 308 3.62 -22.11 -38.85
C GLY B 308 4.65 -23.15 -38.33
N LYS B 309 5.81 -22.69 -37.87
CA LYS B 309 6.87 -23.61 -37.49
C LYS B 309 6.66 -24.15 -36.07
N THR B 310 7.16 -25.37 -35.87
CA THR B 310 7.13 -26.04 -34.57
C THR B 310 8.46 -25.82 -33.87
N GLU B 311 8.39 -25.36 -32.63
CA GLU B 311 9.57 -24.90 -31.91
C GLU B 311 9.39 -25.08 -30.43
N THR B 312 10.51 -25.16 -29.71
CA THR B 312 10.47 -25.03 -28.26
C THR B 312 10.73 -23.58 -27.94
N ILE B 313 9.78 -23.00 -27.22
CA ILE B 313 9.86 -21.61 -26.85
C ILE B 313 9.96 -21.56 -25.36
N THR B 314 10.54 -20.47 -24.86
CA THR B 314 10.65 -20.20 -23.44
C THR B 314 9.71 -19.00 -23.12
N GLN B 315 8.87 -19.15 -22.11
CA GLN B 315 7.85 -18.14 -21.79
C GLN B 315 7.98 -17.69 -20.36
N GLU B 316 8.08 -16.37 -20.17
CA GLU B 316 8.11 -15.76 -18.83
C GLU B 316 6.75 -15.14 -18.54
N CYS B 317 6.08 -15.62 -17.52
CA CYS B 317 4.76 -15.16 -17.16
C CYS B 317 4.88 -14.38 -15.85
N THR B 318 4.51 -13.10 -15.87
CA THR B 318 4.69 -12.20 -14.74
C THR B 318 3.41 -11.43 -14.48
N VAL B 319 2.85 -11.59 -13.28
CA VAL B 319 1.71 -10.74 -12.88
C VAL B 319 2.30 -9.46 -12.31
N LYS B 320 1.82 -8.33 -12.78
CA LYS B 320 2.41 -7.03 -12.46
C LYS B 320 1.79 -6.31 -11.29
N ASN B 321 0.64 -6.77 -10.82
CA ASN B 321 -0.09 -6.01 -9.79
C ASN B 321 -0.69 -6.94 -8.75
N LEU B 322 -1.12 -6.36 -7.65
CA LEU B 322 -1.82 -7.08 -6.62
C LEU B 322 -3.17 -6.42 -6.48
N PRO B 323 -4.20 -6.97 -7.15
CA PRO B 323 -5.49 -6.33 -7.15
C PRO B 323 -6.21 -6.59 -5.82
N SER B 324 -7.28 -5.86 -5.60
CA SER B 324 -7.89 -5.82 -4.28
C SER B 324 -8.65 -7.10 -4.02
N VAL B 325 -9.03 -7.80 -5.09
CA VAL B 325 -9.59 -9.14 -4.95
C VAL B 325 -8.84 -10.14 -5.78
N LEU B 326 -8.27 -11.13 -5.09
CA LEU B 326 -7.65 -12.27 -5.71
C LEU B 326 -8.53 -13.53 -5.79
N SER B 327 -8.88 -13.93 -7.00
CA SER B 327 -9.70 -15.10 -7.24
C SER B 327 -8.83 -16.24 -7.76
N LEU B 328 -8.80 -17.34 -7.01
CA LEU B 328 -7.87 -18.43 -7.25
C LEU B 328 -8.60 -19.66 -7.65
N GLU B 329 -8.27 -20.21 -8.81
CA GLU B 329 -8.81 -21.46 -9.26
C GLU B 329 -7.76 -22.52 -9.03
N LEU B 330 -8.12 -23.55 -8.27
CA LEU B 330 -7.16 -24.61 -7.99
C LEU B 330 -7.26 -25.71 -9.02
N SER B 331 -6.16 -25.93 -9.73
CA SER B 331 -6.11 -26.96 -10.76
C SER B 331 -4.94 -27.87 -10.41
N LEU B 332 -5.14 -28.65 -9.36
CA LEU B 332 -4.10 -29.48 -8.83
C LEU B 332 -4.45 -30.92 -9.13
N LEU B 333 -3.43 -31.75 -9.00
CA LEU B 333 -3.56 -33.19 -9.08
C LEU B 333 -3.98 -33.70 -7.71
N ASP B 334 -4.77 -34.77 -7.70
CA ASP B 334 -5.26 -35.35 -6.47
C ASP B 334 -4.11 -35.68 -5.53
N THR B 335 -2.97 -36.04 -6.12
CA THR B 335 -1.72 -36.22 -5.39
C THR B 335 -1.32 -35.00 -4.57
N GLU B 336 -1.41 -33.84 -5.20
CA GLU B 336 -1.09 -32.60 -4.55
C GLU B 336 -2.13 -32.29 -3.47
N PHE B 337 -3.42 -32.58 -3.75
CA PHE B 337 -4.46 -32.28 -2.76
C PHE B 337 -4.22 -33.15 -1.53
N SER B 338 -3.75 -34.38 -1.74
CA SER B 338 -3.55 -35.28 -0.62
C SER B 338 -2.51 -34.64 0.31
N ASN B 339 -1.50 -33.96 -0.22
CA ASN B 339 -0.51 -33.35 0.68
C ASN B 339 -0.94 -31.93 1.17
N ILE B 340 -1.97 -31.34 0.57
CA ILE B 340 -2.64 -30.19 1.19
C ILE B 340 -3.32 -30.60 2.49
N ARG B 341 -4.07 -31.70 2.43
CA ARG B 341 -4.80 -32.20 3.58
C ARG B 341 -3.93 -32.57 4.76
N SER B 342 -2.67 -32.95 4.52
CA SER B 342 -1.80 -33.37 5.62
C SER B 342 -1.02 -32.17 6.17
N SER B 343 -1.08 -31.06 5.45
CA SER B 343 -0.48 -29.82 5.91
C SER B 343 -1.44 -29.09 6.82
N LYS B 344 -1.01 -28.87 8.04
CA LYS B 344 -1.81 -28.05 8.94
C LYS B 344 -1.67 -26.60 8.47
N ASN B 345 -2.80 -25.91 8.40
CA ASN B 345 -2.84 -24.49 7.98
C ASN B 345 -2.35 -24.18 6.58
N TRP B 346 -2.61 -25.06 5.64
CA TRP B 346 -2.31 -24.78 4.26
C TRP B 346 -3.08 -23.56 3.75
N LEU B 347 -4.34 -23.47 4.12
CA LEU B 347 -5.19 -22.38 3.61
C LEU B 347 -5.04 -21.17 4.50
N THR B 348 -4.06 -20.37 4.14
CA THR B 348 -3.59 -19.25 4.94
C THR B 348 -4.69 -18.25 5.08
N SER B 349 -4.99 -17.83 6.29
CA SER B 349 -6.17 -16.98 6.45
C SER B 349 -5.87 -15.49 6.18
N GLU B 350 -4.61 -15.09 6.31
CA GLU B 350 -4.22 -13.74 5.98
C GLU B 350 -2.74 -13.76 5.60
N PHE B 351 -2.37 -12.94 4.63
CA PHE B 351 -0.95 -12.75 4.32
C PHE B 351 -0.69 -11.33 3.82
N TYR B 352 0.59 -11.03 3.64
CA TYR B 352 1.05 -9.76 3.12
C TYR B 352 1.72 -9.91 1.75
N GLY B 353 1.56 -8.91 0.90
CA GLY B 353 2.10 -8.99 -0.44
C GLY B 353 2.69 -7.68 -0.91
N SER B 354 3.63 -7.81 -1.82
CA SER B 354 4.26 -6.65 -2.40
C SER B 354 4.88 -7.04 -3.72
N ILE B 355 4.86 -6.12 -4.68
CA ILE B 355 5.60 -6.32 -5.92
C ILE B 355 7.01 -5.82 -5.64
N ILE B 356 7.96 -6.75 -5.63
CA ILE B 356 9.35 -6.43 -5.33
C ILE B 356 10.28 -6.83 -6.47
N LYS B 357 10.93 -5.85 -7.09
CA LYS B 357 11.82 -6.10 -8.22
C LYS B 357 11.09 -6.96 -9.26
N ASN B 358 9.86 -6.56 -9.53
CA ASN B 358 9.07 -7.11 -10.63
C ASN B 358 8.56 -8.51 -10.37
N LYS B 359 8.40 -8.84 -9.09
CA LYS B 359 7.87 -10.13 -8.71
C LYS B 359 6.92 -9.97 -7.52
N ALA B 360 5.75 -10.54 -7.63
CA ALA B 360 4.84 -10.63 -6.49
C ALA B 360 5.44 -11.53 -5.45
N VAL B 361 5.59 -10.99 -4.25
CA VAL B 361 6.21 -11.71 -3.17
C VAL B 361 5.18 -11.74 -2.04
N LEU B 362 4.86 -12.93 -1.54
CA LEU B 362 3.78 -13.13 -0.55
C LEU B 362 4.32 -13.79 0.70
N ARG B 363 4.01 -13.25 1.87
CA ARG B 363 4.56 -13.80 3.13
C ARG B 363 3.49 -13.72 4.21
N SER B 364 3.63 -14.55 5.24
CA SER B 364 2.64 -14.54 6.34
C SER B 364 2.71 -13.29 7.19
N THR B 365 3.90 -12.70 7.29
CA THR B 365 4.06 -11.46 8.03
C THR B 365 4.70 -10.37 7.17
N ALA B 366 4.27 -9.14 7.41
CA ALA B 366 4.67 -7.96 6.68
C ALA B 366 6.17 -7.78 6.67
N SER B 367 6.77 -8.10 7.81
CA SER B 367 8.18 -7.85 8.03
C SER B 367 9.05 -8.85 7.26
N GLU B 368 8.46 -9.94 6.76
CA GLU B 368 9.21 -10.83 5.91
C GLU B 368 9.42 -10.20 4.53
N LEU B 369 8.78 -9.06 4.25
CA LEU B 369 8.88 -8.46 2.94
C LEU B 369 9.90 -7.34 2.97
N LYS B 370 11.00 -7.53 2.25
CA LYS B 370 12.15 -6.64 2.37
C LYS B 370 12.41 -5.92 1.06
N GLY B 371 12.95 -4.72 1.14
CA GLY B 371 13.29 -3.96 -0.06
C GLY B 371 12.08 -3.45 -0.81
N THR B 372 11.01 -3.16 -0.08
CA THR B 372 9.82 -2.72 -0.75
C THR B 372 9.10 -1.69 0.08
N SER B 373 8.56 -0.71 -0.62
CA SER B 373 7.95 0.41 0.05
C SER B 373 6.43 0.40 0.07
N HIS B 374 5.81 -0.70 -0.40
CA HIS B 374 4.34 -0.78 -0.51
C HIS B 374 3.79 -2.19 -0.25
N ILE B 375 3.33 -2.43 0.98
CA ILE B 375 2.90 -3.73 1.42
C ILE B 375 1.37 -3.76 1.53
N PHE B 376 0.76 -4.81 0.97
CA PHE B 376 -0.68 -5.03 0.99
C PHE B 376 -1.03 -6.19 1.89
N LYS B 377 -2.15 -6.09 2.59
CA LYS B 377 -2.61 -7.19 3.43
C LYS B 377 -3.84 -7.78 2.79
N TYR B 378 -3.84 -9.11 2.74
CA TYR B 378 -4.90 -9.89 2.14
C TYR B 378 -5.51 -10.74 3.23
N GLU B 379 -6.81 -10.92 3.17
CA GLU B 379 -7.49 -11.84 4.10
C GLU B 379 -8.36 -12.81 3.31
N LEU B 380 -8.42 -14.05 3.76
CA LEU B 380 -9.33 -15.01 3.15
C LEU B 380 -10.79 -14.55 3.38
N ASN B 381 -11.47 -14.37 2.26
CA ASN B 381 -12.83 -13.86 2.20
C ASN B 381 -13.79 -15.04 2.19
N GLY B 382 -13.39 -16.05 1.43
CA GLY B 382 -14.17 -17.25 1.29
C GLY B 382 -13.62 -18.22 0.27
N TYR B 383 -14.23 -19.39 0.24
CA TYR B 383 -13.86 -20.38 -0.77
C TYR B 383 -14.97 -21.35 -1.00
N VAL B 384 -14.91 -21.93 -2.19
CA VAL B 384 -15.82 -22.98 -2.57
C VAL B 384 -15.12 -24.29 -2.46
N ALA B 385 -15.71 -25.25 -1.76
CA ALA B 385 -15.13 -26.58 -1.64
C ALA B 385 -16.02 -27.65 -2.23
N LYS B 386 -15.38 -28.68 -2.73
CA LYS B 386 -16.08 -29.88 -3.11
C LYS B 386 -16.14 -30.88 -1.99
N ILE B 387 -17.34 -31.41 -1.78
CA ILE B 387 -17.57 -32.44 -0.80
C ILE B 387 -17.77 -33.74 -1.54
N THR B 388 -17.07 -34.77 -1.12
CA THR B 388 -17.21 -36.09 -1.71
C THR B 388 -17.71 -37.07 -0.66
N ASP B 389 -18.88 -37.65 -0.87
CA ASP B 389 -19.41 -38.67 0.05
C ASP B 389 -18.69 -40.00 -0.06
N ASN B 390 -18.80 -40.81 0.96
CA ASN B 390 -18.30 -42.18 0.90
C ASN B 390 -18.96 -42.90 -0.26
N ASN B 391 -20.17 -42.46 -0.57
CA ASN B 391 -20.90 -42.86 -1.76
C ASN B 391 -20.29 -42.29 -3.07
N ASN B 392 -19.33 -41.39 -2.92
CA ASN B 392 -18.71 -40.65 -4.03
C ASN B 392 -19.68 -39.69 -4.73
N GLU B 393 -20.88 -39.52 -4.19
CA GLU B 393 -21.68 -38.36 -4.56
C GLU B 393 -20.94 -37.08 -4.18
N THR B 394 -21.04 -36.08 -5.03
CA THR B 394 -20.28 -34.86 -4.84
C THR B 394 -21.21 -33.67 -4.80
N ARG B 395 -20.80 -32.63 -4.08
CA ARG B 395 -21.39 -31.35 -4.24
C ARG B 395 -20.45 -30.27 -3.82
N LEU B 396 -20.85 -29.04 -4.10
CA LEU B 396 -20.11 -27.87 -3.70
C LEU B 396 -20.77 -27.17 -2.54
N VAL B 397 -19.95 -26.79 -1.57
CA VAL B 397 -20.34 -25.86 -0.55
C VAL B 397 -19.48 -24.60 -0.55
N THR B 398 -20.00 -23.59 0.10
CA THR B 398 -19.34 -22.31 0.15
C THR B 398 -19.07 -21.93 1.59
N TYR B 399 -17.84 -21.48 1.85
CA TYR B 399 -17.44 -20.90 3.11
C TYR B 399 -17.24 -19.41 2.92
N VAL B 400 -17.75 -18.60 3.85
CA VAL B 400 -17.57 -17.15 3.78
C VAL B 400 -17.42 -16.58 5.17
N LYS B 401 -16.73 -15.44 5.19
CA LYS B 401 -16.32 -14.70 6.39
C LYS B 401 -17.04 -13.40 6.18
N LYS B 402 -17.72 -12.90 7.22
CA LYS B 402 -18.54 -11.70 7.09
C LYS B 402 -18.25 -10.78 8.27
N TYR B 403 -17.97 -9.52 7.98
CA TYR B 403 -17.62 -8.60 9.04
C TYR B 403 -18.83 -8.12 9.82
N ASN B 404 -18.72 -8.14 11.15
CA ASN B 404 -19.71 -7.56 12.08
C ASN B 404 -19.12 -6.30 12.66
N PRO B 405 -19.43 -5.16 12.08
CA PRO B 405 -18.67 -3.99 12.52
C PRO B 405 -18.93 -3.59 13.98
N LYS B 406 -20.04 -4.05 14.56
CA LYS B 406 -20.43 -3.64 15.90
C LYS B 406 -19.71 -4.46 16.97
N GLU B 407 -19.33 -5.68 16.63
CA GLU B 407 -18.62 -6.54 17.58
C GLU B 407 -17.12 -6.58 17.24
N ASN B 408 -16.74 -5.84 16.19
CA ASN B 408 -15.38 -5.82 15.66
C ASN B 408 -14.82 -7.23 15.47
N CYS B 409 -15.52 -8.02 14.66
CA CYS B 409 -15.05 -9.35 14.37
C CYS B 409 -15.77 -9.88 13.17
N PHE B 410 -15.36 -11.07 12.75
CA PHE B 410 -15.89 -11.75 11.58
C PHE B 410 -16.69 -12.95 12.01
N LYS B 411 -17.77 -13.27 11.29
CA LYS B 411 -18.36 -14.57 11.47
C LYS B 411 -18.21 -15.35 10.17
N TRP B 412 -18.01 -16.65 10.35
CA TRP B 412 -17.89 -17.56 9.24
C TRP B 412 -19.22 -18.31 9.03
N LEU B 413 -19.62 -18.43 7.77
CA LEU B 413 -20.77 -19.22 7.35
C LEU B 413 -20.43 -20.30 6.34
N MET B 414 -21.11 -21.43 6.47
CA MET B 414 -21.06 -22.47 5.45
C MET B 414 -22.44 -22.68 4.84
N PHE B 415 -22.49 -22.54 3.52
CA PHE B 415 -23.65 -22.77 2.69
C PHE B 415 -23.56 -24.08 1.95
N ASN B 416 -24.54 -24.95 2.21
CA ASN B 416 -24.77 -26.17 1.42
C ASN B 416 -26.17 -26.08 0.82
N ASP B 417 -26.24 -25.57 -0.41
CA ASP B 417 -27.51 -25.27 -1.07
C ASP B 417 -28.46 -24.42 -0.19
N TYR B 418 -29.49 -25.01 0.39
CA TYR B 418 -30.44 -24.23 1.18
C TYR B 418 -30.12 -24.27 2.68
N LEU B 419 -29.12 -25.06 3.04
CA LEU B 419 -28.63 -25.09 4.42
C LEU B 419 -27.52 -24.06 4.63
N VAL B 420 -27.61 -23.35 5.74
CA VAL B 420 -26.65 -22.30 6.07
C VAL B 420 -26.41 -22.37 7.54
N VAL B 421 -25.19 -22.57 7.93
CA VAL B 421 -24.84 -22.61 9.33
C VAL B 421 -23.67 -21.71 9.62
N GLU B 422 -23.72 -21.06 10.77
CA GLU B 422 -22.60 -20.28 11.25
C GLU B 422 -21.60 -21.27 11.82
N ILE B 423 -20.31 -21.11 11.50
CA ILE B 423 -19.28 -22.05 11.97
C ILE B 423 -18.11 -21.35 12.64
N THR B 424 -17.29 -22.12 13.35
CA THR B 424 -16.06 -21.60 13.90
C THR B 424 -15.04 -21.30 12.80
N GLU B 425 -14.14 -20.40 13.11
CA GLU B 425 -13.06 -20.12 12.21
C GLU B 425 -12.22 -21.36 12.05
N GLU B 426 -12.04 -22.08 13.15
CA GLU B 426 -11.24 -23.29 13.13
C GLU B 426 -11.73 -24.28 12.07
N GLU B 427 -13.05 -24.41 11.95
CA GLU B 427 -13.62 -25.33 10.99
C GLU B 427 -13.59 -24.75 9.58
N ALA B 428 -13.78 -23.44 9.48
CA ALA B 428 -13.69 -22.76 8.18
C ALA B 428 -12.30 -22.94 7.52
N LEU B 429 -11.26 -23.02 8.34
CA LEU B 429 -9.88 -23.10 7.84
C LEU B 429 -9.34 -24.52 7.77
N LYS B 430 -10.18 -25.51 8.07
CA LYS B 430 -9.64 -26.85 8.22
C LYS B 430 -9.64 -27.62 6.89
N MET B 431 -8.46 -28.06 6.49
CA MET B 431 -8.20 -28.66 5.16
C MET B 431 -7.97 -30.15 5.25
N THR B 432 -7.89 -30.65 6.47
CA THR B 432 -7.45 -32.01 6.72
C THR B 432 -8.50 -33.10 6.43
N TYR B 433 -9.75 -32.71 6.23
CA TYR B 433 -10.79 -33.68 6.00
C TYR B 433 -10.65 -34.35 4.65
N PRO B 434 -10.54 -35.67 4.62
CA PRO B 434 -10.38 -36.34 3.33
C PRO B 434 -11.59 -36.17 2.41
N TRP B 435 -12.71 -35.72 2.96
CA TRP B 435 -13.93 -35.57 2.16
C TRP B 435 -14.13 -34.18 1.61
N LYS B 436 -13.12 -33.35 1.79
CA LYS B 436 -13.21 -31.98 1.44
C LYS B 436 -12.06 -31.57 0.51
N THR B 437 -12.36 -30.75 -0.49
CA THR B 437 -11.35 -30.33 -1.49
C THR B 437 -11.60 -28.89 -1.84
N PRO B 438 -10.62 -28.03 -1.57
CA PRO B 438 -10.82 -26.64 -2.00
C PRO B 438 -10.82 -26.52 -3.55
N GLU B 439 -11.64 -25.62 -4.09
CA GLU B 439 -11.83 -25.49 -5.54
C GLU B 439 -11.55 -24.06 -5.98
N ILE B 440 -12.26 -23.12 -5.39
CA ILE B 440 -12.09 -21.71 -5.71
C ILE B 440 -11.86 -20.96 -4.42
N ILE B 441 -10.89 -20.04 -4.45
CA ILE B 441 -10.50 -19.34 -3.23
C ILE B 441 -10.44 -17.86 -3.49
N ILE B 442 -11.03 -17.10 -2.58
CA ILE B 442 -11.01 -15.65 -2.63
C ILE B 442 -10.25 -15.00 -1.47
N TYR B 443 -9.19 -14.25 -1.79
CA TYR B 443 -8.57 -13.32 -0.86
C TYR B 443 -8.94 -11.88 -1.25
N CYS B 444 -9.08 -11.05 -0.22
N CYS B 444 -9.12 -11.06 -0.22
CA CYS B 444 -9.56 -9.69 -0.40
CA CYS B 444 -9.54 -9.67 -0.37
C CYS B 444 -8.70 -8.76 0.42
C CYS B 444 -8.65 -8.77 0.42
N ASP B 445 -8.44 -7.58 -0.10
CA ASP B 445 -7.75 -6.55 0.63
C ASP B 445 -8.40 -6.43 2.02
N ALA B 446 -7.61 -6.49 3.09
CA ALA B 446 -8.15 -6.60 4.45
C ALA B 446 -9.17 -5.50 4.81
N GLU B 447 -8.93 -4.27 4.34
CA GLU B 447 -9.79 -3.12 4.62
C GLU B 447 -11.07 -3.19 3.83
N GLU B 448 -10.98 -3.58 2.55
CA GLU B 448 -12.16 -3.68 1.71
C GLU B 448 -13.16 -4.70 2.27
N LEU B 449 -12.63 -5.72 2.92
CA LEU B 449 -13.44 -6.78 3.47
C LEU B 449 -14.34 -6.30 4.62
N ARG B 450 -13.97 -5.18 5.23
CA ARG B 450 -14.67 -4.65 6.38
C ARG B 450 -15.69 -3.61 6.01
N LYS B 451 -15.77 -3.28 4.72
CA LYS B 451 -16.73 -2.28 4.29
C LYS B 451 -18.12 -2.87 4.23
N PRO B 452 -19.14 -2.04 4.47
CA PRO B 452 -20.54 -2.47 4.53
C PRO B 452 -21.10 -2.87 3.19
N PHE B 453 -22.09 -3.73 3.24
CA PHE B 453 -22.88 -4.09 2.08
C PHE B 453 -23.97 -3.03 1.92
N PHE B 454 -24.10 -2.46 0.72
CA PHE B 454 -25.14 -1.48 0.41
C PHE B 454 -26.52 -1.99 0.75
ZN ZN C . -18.18 32.31 17.34
ZN ZN D . 6.76 -17.71 -35.61
#